data_7ZVN
#
_entry.id   7ZVN
#
_cell.length_a   55.621
_cell.length_b   57.502
_cell.length_c   70.478
_cell.angle_alpha   90.000
_cell.angle_beta   90.241
_cell.angle_gamma   90.000
#
_symmetry.space_group_name_H-M   'P 1 21 1'
#
loop_
_entity.id
_entity.type
_entity.pdbx_description
1 polymer 'Annexin A2'
2 polymer "2'-methoxyethyl DNA gapmer antisense oligonucleotide"
3 non-polymer GLYCEROL
4 non-polymer 'CALCIUM ION'
5 non-polymer 'MAGNESIUM ION'
6 water water
#
loop_
_entity_poly.entity_id
_entity_poly.type
_entity_poly.pdbx_seq_one_letter_code
_entity_poly.pdbx_strand_id
1 'polypeptide(L)'
;SDAERDALNIETAIKTKGVDEVTIVNILTNRSNAQRQDIAFAYQRRTKKELASALKSALSGHLETVILGLLKTPAQYDAS
ELKASMKGLGTDEDSLIEIICSRTNQELQEINRVYKEMYKTDLEKDIISDTSGDFRKLMVALAKGRRAEDGSVIDYELID
QDARDLYDAGVKRKGTDVPKWISIMTERSVPHLQKVFDRYKSYSPYDMLESIRKEVKGDLENAFLNLVQCIQNKPLYFAD
RLYDSMKGKGTRDKVLIRIMASRSEVDMLKIRSEFKRKYGKSLYYYIQQDTKGDYQKALLYLCGGDD
;
A
2 'polydeoxyribonucleotide' (K39)(N7X)(N7X)(K2F)(K39)(GS)(OKN)(PST)(GS)(GS)(PST)(PST)(AS)(PST)(GS) C,D
#
loop_
_chem_comp.id
_chem_comp.type
_chem_comp.name
_chem_comp.formula
AS DNA linking '2-DEOXY-ADENOSINE -5'-THIO-MONOPHOSPHATE' 'C10 H14 N5 O5 P S'
CA non-polymer 'CALCIUM ION' 'Ca 2'
GOL non-polymer GLYCEROL 'C3 H8 O3'
GS DNA linking GUANOSINE-5'-THIO-MONOPHOSPHATE 'C10 H14 N5 O6 P S'
K2F DNA linking 2'-methoxyethyl-adenosine-5'-thiophosphate 'C13 H20 N5 O7 P S'
K39 DNA linking 2'-methoxyethyl-guanosine-5'-thiophosphate 'C13 H20 N5 O8 P S'
MG non-polymer 'MAGNESIUM ION' 'Mg 2'
N7X RNA linking 5'-O-[(R)-hydroxy(sulfanylidene)-lambda~5~-phosphanyl]-2'-O-(2-methoxyethyl)-5-methylcytidine 'C13 H22 N3 O8 P S'
OKN DNA linking 5'-methyl-2'-deoxycytidine-5'-phosphorothioate 'C10 H16 N3 O6 P S'
PST DNA linking THYMIDINE-5'-THIOPHOSPHATE 'C10 H15 N2 O7 P S'
#
# COMPACT_ATOMS: atom_id res chain seq x y z
N SER A 1 -1.31 25.77 12.92
CA SER A 1 -0.54 24.78 13.64
C SER A 1 0.52 25.44 14.51
N ASP A 2 0.86 24.76 15.60
CA ASP A 2 1.95 25.17 16.47
C ASP A 2 2.85 23.96 16.60
N ALA A 3 3.84 23.85 15.71
CA ALA A 3 4.76 22.73 15.74
C ALA A 3 5.59 22.74 17.01
N GLU A 4 5.93 23.92 17.52
CA GLU A 4 6.86 23.97 18.64
C GLU A 4 6.16 23.56 19.93
N ARG A 5 4.90 23.96 20.09
CA ARG A 5 4.12 23.46 21.22
C ARG A 5 3.98 21.94 21.18
N ASP A 6 3.67 21.38 20.00
CA ASP A 6 3.60 19.92 19.90
C ASP A 6 4.94 19.29 20.22
N ALA A 7 6.03 19.85 19.67
CA ALA A 7 7.36 19.30 19.92
C ALA A 7 7.72 19.36 21.40
N LEU A 8 7.31 20.43 22.08
CA LEU A 8 7.57 20.52 23.51
C LEU A 8 6.76 19.50 24.31
N ASN A 9 5.46 19.38 24.00
CA ASN A 9 4.65 18.37 24.68
C ASN A 9 5.18 16.97 24.43
N ILE A 10 5.75 16.72 23.25
CA ILE A 10 6.28 15.38 22.99
C ILE A 10 7.54 15.12 23.81
N GLU A 11 8.44 16.11 23.87
CA GLU A 11 9.65 15.93 24.67
C GLU A 11 9.30 15.64 26.13
N THR A 12 8.37 16.41 26.68
CA THR A 12 7.90 16.16 28.05
C THR A 12 7.40 14.73 28.23
N ALA A 13 6.53 14.26 27.33
CA ALA A 13 6.05 12.89 27.39
C ALA A 13 7.18 11.87 27.27
N ILE A 14 8.18 12.15 26.43
CA ILE A 14 9.30 11.23 26.28
C ILE A 14 10.10 11.14 27.57
N LYS A 15 10.40 12.30 28.17
CA LYS A 15 11.28 12.33 29.31
C LYS A 15 10.60 11.88 30.59
N THR A 16 9.26 11.98 30.65
CA THR A 16 8.48 11.52 31.79
C THR A 16 8.86 10.11 32.20
N LYS A 17 8.94 9.88 33.51
CA LYS A 17 9.20 8.54 34.01
C LYS A 17 8.15 7.57 33.49
N GLY A 18 8.60 6.48 32.88
CA GLY A 18 7.71 5.51 32.30
C GLY A 18 7.30 5.79 30.86
N VAL A 19 7.54 7.01 30.38
CA VAL A 19 7.10 7.51 29.07
C VAL A 19 5.58 7.66 29.03
N ASP A 20 5.11 8.85 28.64
CA ASP A 20 3.70 9.13 28.42
C ASP A 20 3.34 8.81 26.96
N GLU A 21 3.06 7.54 26.70
CA GLU A 21 2.76 7.13 25.32
C GLU A 21 1.47 7.79 24.83
N VAL A 22 0.48 7.99 25.70
CA VAL A 22 -0.81 8.51 25.23
C VAL A 22 -0.64 9.90 24.65
N THR A 23 0.21 10.74 25.26
CA THR A 23 0.44 12.07 24.70
C THR A 23 1.05 11.98 23.31
N ILE A 24 2.03 11.09 23.14
CA ILE A 24 2.68 10.96 21.84
C ILE A 24 1.68 10.48 20.79
N VAL A 25 0.85 9.49 21.13
CA VAL A 25 -0.16 9.00 20.18
C VAL A 25 -1.17 10.10 19.86
N ASN A 26 -1.72 10.70 20.91
CA ASN A 26 -2.77 11.71 20.71
C ASN A 26 -2.30 12.83 19.80
N ILE A 27 -1.02 13.18 19.87
CA ILE A 27 -0.51 14.21 18.98
C ILE A 27 -0.26 13.64 17.59
N LEU A 28 0.64 12.66 17.50
CA LEU A 28 1.16 12.36 16.16
C LEU A 28 0.11 11.73 15.26
N THR A 29 -0.82 10.96 15.81
CA THR A 29 -1.81 10.35 14.92
C THR A 29 -2.95 11.31 14.59
N ASN A 30 -2.97 12.50 15.20
CA ASN A 30 -3.99 13.49 14.88
C ASN A 30 -3.38 14.72 14.20
N ARG A 31 -2.28 14.54 13.51
CA ARG A 31 -1.64 15.59 12.72
C ARG A 31 -1.43 15.07 11.31
N SER A 32 -1.45 15.97 10.33
CA SER A 32 -1.13 15.57 8.97
C SER A 32 0.36 15.24 8.83
N ASN A 33 0.69 14.52 7.74
CA ASN A 33 2.10 14.19 7.51
C ASN A 33 2.95 15.46 7.44
N ALA A 34 2.45 16.52 6.79
CA ALA A 34 3.22 17.75 6.70
C ALA A 34 3.40 18.41 8.07
N GLN A 35 2.36 18.36 8.91
CA GLN A 35 2.51 18.87 10.27
C GLN A 35 3.51 18.07 11.07
N ARG A 36 3.57 16.76 10.82
CA ARG A 36 4.53 15.94 11.53
C ARG A 36 5.95 16.30 11.13
N GLN A 37 6.18 16.59 9.84
CA GLN A 37 7.53 17.02 9.44
C GLN A 37 7.94 18.28 10.18
N ASP A 38 7.01 19.24 10.30
CA ASP A 38 7.29 20.46 11.04
C ASP A 38 7.55 20.17 12.52
N ILE A 39 6.77 19.28 13.11
CA ILE A 39 7.01 18.90 14.51
C ILE A 39 8.40 18.30 14.67
N ALA A 40 8.80 17.39 13.76
CA ALA A 40 10.11 16.79 13.84
C ALA A 40 11.22 17.84 13.71
N PHE A 41 11.06 18.77 12.78
CA PHE A 41 12.02 19.85 12.66
C PHE A 41 12.11 20.64 13.97
N ALA A 42 10.97 21.07 14.49
CA ALA A 42 10.96 21.82 15.73
C ALA A 42 11.56 21.02 16.88
N TYR A 43 11.34 19.70 16.88
CA TYR A 43 11.87 18.86 17.97
C TYR A 43 13.39 18.83 17.92
N GLN A 44 13.95 18.65 16.72
CA GLN A 44 15.41 18.59 16.60
C GLN A 44 16.04 19.91 17.04
N ARG A 45 15.44 21.03 16.67
CA ARG A 45 15.99 22.33 17.05
C ARG A 45 15.93 22.55 18.56
N ARG A 46 14.88 22.07 19.23
CA ARG A 46 14.78 22.22 20.68
C ARG A 46 15.76 21.33 21.43
N THR A 47 15.93 20.08 21.01
CA THR A 47 16.66 19.10 21.79
C THR A 47 18.01 18.74 21.20
N LYS A 48 18.33 19.21 20.01
CA LYS A 48 19.51 18.75 19.26
C LYS A 48 19.48 17.24 19.01
N LYS A 49 18.33 16.58 19.18
CA LYS A 49 18.19 15.15 18.95
C LYS A 49 17.10 14.89 17.90
N GLU A 50 17.29 13.86 17.07
CA GLU A 50 16.30 13.54 16.05
C GLU A 50 15.04 12.96 16.70
N LEU A 51 13.88 13.48 16.32
CA LEU A 51 12.63 12.97 16.92
C LEU A 51 12.50 11.47 16.69
N ALA A 52 12.75 11.01 15.47
CA ALA A 52 12.60 9.58 15.19
C ALA A 52 13.48 8.74 16.10
N SER A 53 14.74 9.15 16.31
CA SER A 53 15.61 8.38 17.20
C SER A 53 15.13 8.44 18.65
N ALA A 54 14.66 9.61 19.08
CA ALA A 54 14.19 9.71 20.46
C ALA A 54 12.96 8.85 20.68
N LEU A 55 12.09 8.72 19.68
CA LEU A 55 10.93 7.87 19.87
C LEU A 55 11.28 6.40 19.76
N LYS A 56 12.27 6.05 18.95
CA LYS A 56 12.67 4.65 18.87
C LYS A 56 13.22 4.19 20.20
N SER A 57 13.84 5.08 20.98
CA SER A 57 14.21 4.71 22.34
C SER A 57 13.00 4.68 23.27
N ALA A 58 12.07 5.62 23.11
CA ALA A 58 11.00 5.75 24.09
C ALA A 58 9.86 4.76 23.86
N LEU A 59 9.77 4.15 22.68
CA LEU A 59 8.65 3.28 22.36
C LEU A 59 9.15 1.88 22.03
N SER A 60 8.22 0.93 21.95
CA SER A 60 8.58 -0.44 21.59
C SER A 60 7.36 -1.12 20.98
N GLY A 61 7.58 -2.33 20.44
CA GLY A 61 6.42 -3.09 20.01
C GLY A 61 5.75 -2.48 18.78
N HIS A 62 4.50 -2.90 18.55
CA HIS A 62 3.77 -2.44 17.38
C HIS A 62 3.55 -0.92 17.42
N LEU A 63 3.33 -0.37 18.61
CA LEU A 63 3.22 1.09 18.70
C LEU A 63 4.42 1.79 18.07
N GLU A 64 5.65 1.32 18.38
CA GLU A 64 6.84 1.92 17.77
C GLU A 64 6.76 1.88 16.26
N THR A 65 6.41 0.72 15.70
CA THR A 65 6.27 0.59 14.25
C THR A 65 5.34 1.63 13.66
N VAL A 66 4.13 1.77 14.23
CA VAL A 66 3.17 2.77 13.73
C VAL A 66 3.79 4.17 13.77
N ILE A 67 4.28 4.56 14.94
CA ILE A 67 4.69 5.94 15.13
C ILE A 67 5.89 6.26 14.23
N LEU A 68 6.87 5.36 14.16
CA LEU A 68 8.02 5.65 13.32
C LEU A 68 7.63 5.74 11.86
N GLY A 69 6.68 4.90 11.43
CA GLY A 69 6.22 4.99 10.04
C GLY A 69 5.53 6.32 9.75
N LEU A 70 4.75 6.83 10.71
CA LEU A 70 4.04 8.09 10.52
C LEU A 70 4.99 9.27 10.35
N LEU A 71 6.21 9.17 10.88
CA LEU A 71 7.15 10.27 10.83
C LEU A 71 7.79 10.42 9.46
N LYS A 72 7.81 9.38 8.65
CA LYS A 72 8.38 9.46 7.32
C LYS A 72 7.41 10.13 6.37
N THR A 73 7.93 10.82 5.35
CA THR A 73 7.06 11.31 4.29
C THR A 73 6.45 10.12 3.56
N PRO A 74 5.39 10.34 2.79
CA PRO A 74 4.73 9.20 2.14
C PRO A 74 5.68 8.43 1.25
N ALA A 75 6.51 9.13 0.48
CA ALA A 75 7.48 8.45 -0.40
C ALA A 75 8.59 7.77 0.38
N GLN A 76 9.08 8.41 1.45
CA GLN A 76 10.07 7.79 2.31
C GLN A 76 9.54 6.50 2.92
N TYR A 77 8.32 6.55 3.45
CA TYR A 77 7.73 5.36 4.05
C TYR A 77 7.63 4.25 3.03
N ASP A 78 7.09 4.55 1.85
CA ASP A 78 6.97 3.53 0.82
C ASP A 78 8.32 2.99 0.43
N ALA A 79 9.33 3.87 0.28
CA ALA A 79 10.65 3.40 -0.10
C ALA A 79 11.24 2.51 0.99
N SER A 80 11.04 2.89 2.27
CA SER A 80 11.58 2.08 3.35
C SER A 80 10.86 0.74 3.44
N GLU A 81 9.55 0.72 3.18
CA GLU A 81 8.83 -0.55 3.21
C GLU A 81 9.29 -1.46 2.06
N LEU A 82 9.55 -0.87 0.89
CA LEU A 82 10.07 -1.66 -0.23
C LEU A 82 11.45 -2.24 0.09
N LYS A 83 12.35 -1.42 0.65
CA LYS A 83 13.64 -1.92 1.11
C LYS A 83 13.49 -3.09 2.08
N ALA A 84 12.63 -2.91 3.09
CA ALA A 84 12.41 -3.94 4.10
C ALA A 84 11.85 -5.22 3.49
N SER A 85 11.02 -5.09 2.45
CA SER A 85 10.43 -6.26 1.83
C SER A 85 11.47 -7.11 1.10
N MET A 86 12.64 -6.55 0.82
CA MET A 86 13.65 -7.20 0.02
C MET A 86 14.83 -7.62 0.90
N LYS A 87 14.81 -7.26 2.18
CA LYS A 87 15.95 -7.44 3.08
C LYS A 87 16.26 -8.92 3.30
N GLY A 88 17.58 -9.24 3.31
CA GLY A 88 18.04 -10.59 3.63
C GLY A 88 17.85 -11.53 2.47
N LEU A 89 18.09 -12.82 2.73
CA LEU A 89 18.10 -13.79 1.63
C LEU A 89 16.70 -14.05 1.09
N GLY A 90 15.67 -13.73 1.84
CA GLY A 90 14.32 -13.91 1.37
C GLY A 90 13.74 -12.68 0.71
N THR A 91 12.47 -12.78 0.37
CA THR A 91 11.67 -11.69 -0.16
C THR A 91 10.31 -11.77 0.51
N ASP A 92 9.82 -10.62 0.96
CA ASP A 92 8.44 -10.49 1.42
C ASP A 92 7.60 -10.10 0.19
N GLU A 93 7.22 -11.10 -0.60
CA GLU A 93 6.55 -10.81 -1.86
C GLU A 93 5.20 -10.14 -1.64
N ASP A 94 4.49 -10.51 -0.56
CA ASP A 94 3.20 -9.89 -0.29
C ASP A 94 3.32 -8.37 -0.13
N SER A 95 4.34 -7.91 0.59
CA SER A 95 4.49 -6.46 0.81
C SER A 95 4.95 -5.73 -0.45
N LEU A 96 5.93 -6.31 -1.16
CA LEU A 96 6.35 -5.78 -2.45
C LEU A 96 5.16 -5.62 -3.40
N ILE A 97 4.34 -6.67 -3.48
CA ILE A 97 3.18 -6.67 -4.36
C ILE A 97 2.22 -5.56 -3.95
N GLU A 98 1.90 -5.48 -2.65
CA GLU A 98 0.94 -4.48 -2.18
C GLU A 98 1.35 -3.08 -2.61
N ILE A 99 2.62 -2.73 -2.40
CA ILE A 99 3.02 -1.35 -2.65
C ILE A 99 3.08 -1.08 -4.15
N ILE A 100 3.79 -1.93 -4.88
CA ILE A 100 4.02 -1.69 -6.32
C ILE A 100 2.71 -1.72 -7.08
N CYS A 101 1.81 -2.62 -6.71
CA CYS A 101 0.58 -2.82 -7.47
C CYS A 101 -0.42 -1.69 -7.22
N SER A 102 -0.35 -1.04 -6.06
CA SER A 102 -1.38 -0.06 -5.68
C SER A 102 -0.97 1.39 -5.85
N ARG A 103 0.30 1.70 -6.09
CA ARG A 103 0.74 3.08 -6.17
C ARG A 103 0.54 3.63 -7.59
N THR A 104 0.16 4.90 -7.68
CA THR A 104 -0.06 5.53 -8.99
C THR A 104 1.28 5.92 -9.63
N ASN A 105 1.23 6.34 -10.92
CA ASN A 105 2.43 6.85 -11.59
C ASN A 105 3.13 7.91 -10.78
N GLN A 106 2.36 8.87 -10.29
N GLN A 106 2.38 8.93 -10.35
CA GLN A 106 2.94 10.02 -9.61
CA GLN A 106 3.02 10.01 -9.61
C GLN A 106 3.57 9.61 -8.28
C GLN A 106 3.68 9.48 -8.35
N GLU A 107 2.94 8.68 -7.58
CA GLU A 107 3.52 8.13 -6.35
C GLU A 107 4.77 7.34 -6.65
N LEU A 108 4.76 6.53 -7.72
CA LEU A 108 5.93 5.73 -8.05
C LEU A 108 7.11 6.58 -8.52
N GLN A 109 6.86 7.67 -9.24
CA GLN A 109 7.98 8.51 -9.64
C GLN A 109 8.71 9.05 -8.42
N GLU A 110 7.96 9.47 -7.42
CA GLU A 110 8.58 9.99 -6.21
C GLU A 110 9.24 8.87 -5.38
N ILE A 111 8.66 7.68 -5.36
CA ILE A 111 9.29 6.55 -4.68
C ILE A 111 10.64 6.22 -5.33
N ASN A 112 10.67 6.12 -6.66
CA ASN A 112 11.93 5.83 -7.34
C ASN A 112 12.99 6.86 -6.99
N ARG A 113 12.61 8.14 -6.99
CA ARG A 113 13.56 9.19 -6.70
C ARG A 113 14.06 9.11 -5.27
N VAL A 114 13.12 8.96 -4.32
CA VAL A 114 13.47 8.96 -2.91
C VAL A 114 14.24 7.69 -2.51
N TYR A 115 13.84 6.54 -3.05
CA TYR A 115 14.57 5.29 -2.80
C TYR A 115 16.05 5.45 -3.14
N LYS A 116 16.34 5.98 -4.34
CA LYS A 116 17.73 6.18 -4.77
C LYS A 116 18.47 7.13 -3.83
N GLU A 117 17.80 8.20 -3.41
CA GLU A 117 18.41 9.11 -2.44
C GLU A 117 18.72 8.42 -1.13
N MET A 118 17.77 7.63 -0.57
CA MET A 118 18.07 7.03 0.71
C MET A 118 19.02 5.84 0.64
N TYR A 119 18.98 5.05 -0.44
CA TYR A 119 19.73 3.82 -0.44
C TYR A 119 20.84 3.79 -1.47
N LYS A 120 20.95 4.81 -2.33
CA LYS A 120 22.04 4.98 -3.28
C LYS A 120 22.03 3.93 -4.38
N THR A 121 20.96 3.16 -4.48
CA THR A 121 20.74 2.26 -5.61
C THR A 121 19.33 2.45 -6.14
N ASP A 122 19.17 2.16 -7.43
CA ASP A 122 17.86 2.28 -8.05
C ASP A 122 16.93 1.20 -7.53
N LEU A 123 15.67 1.57 -7.29
CA LEU A 123 14.67 0.58 -6.88
C LEU A 123 14.62 -0.58 -7.87
N GLU A 124 14.59 -0.26 -9.15
CA GLU A 124 14.52 -1.30 -10.17
C GLU A 124 15.63 -2.32 -10.03
N LYS A 125 16.85 -1.88 -9.71
CA LYS A 125 17.95 -2.83 -9.53
C LYS A 125 17.74 -3.76 -8.34
N ASP A 126 17.27 -3.23 -7.21
CA ASP A 126 17.00 -4.11 -6.07
C ASP A 126 15.88 -5.10 -6.39
N ILE A 127 14.84 -4.65 -7.10
CA ILE A 127 13.77 -5.55 -7.51
C ILE A 127 14.33 -6.65 -8.40
N ILE A 128 15.13 -6.28 -9.40
CA ILE A 128 15.74 -7.29 -10.27
C ILE A 128 16.55 -8.30 -9.46
N SER A 129 17.25 -7.83 -8.43
CA SER A 129 18.07 -8.74 -7.64
C SER A 129 17.26 -9.64 -6.72
N ASP A 130 16.04 -9.26 -6.34
CA ASP A 130 15.27 -10.07 -5.40
C ASP A 130 14.23 -10.97 -6.06
N THR A 131 14.04 -10.88 -7.37
CA THR A 131 12.93 -11.60 -8.01
C THR A 131 13.47 -12.25 -9.28
N SER A 132 12.66 -13.12 -9.87
CA SER A 132 13.06 -13.73 -11.13
C SER A 132 11.82 -14.11 -11.92
N GLY A 133 12.05 -14.51 -13.18
CA GLY A 133 10.99 -15.03 -14.03
C GLY A 133 9.96 -13.97 -14.39
N ASP A 134 8.72 -14.42 -14.65
CA ASP A 134 7.65 -13.50 -15.04
C ASP A 134 7.29 -12.57 -13.89
N PHE A 135 7.48 -13.04 -12.65
CA PHE A 135 7.18 -12.19 -11.50
C PHE A 135 8.05 -10.95 -11.52
N ARG A 136 9.36 -11.15 -11.75
CA ARG A 136 10.29 -10.04 -11.94
C ARG A 136 9.83 -9.12 -13.07
N LYS A 137 9.52 -9.70 -14.24
CA LYS A 137 9.10 -8.87 -15.37
C LYS A 137 7.90 -7.98 -14.98
N LEU A 138 6.91 -8.57 -14.31
CA LEU A 138 5.72 -7.82 -13.94
C LEU A 138 6.05 -6.73 -12.92
N MET A 139 6.79 -7.06 -11.85
CA MET A 139 7.13 -6.06 -10.84
C MET A 139 7.96 -4.93 -11.43
N VAL A 140 8.97 -5.24 -12.23
CA VAL A 140 9.82 -4.21 -12.82
C VAL A 140 8.99 -3.28 -13.71
N ALA A 141 8.09 -3.84 -14.52
CA ALA A 141 7.26 -3.01 -15.39
C ALA A 141 6.37 -2.07 -14.57
N LEU A 142 5.68 -2.62 -13.57
CA LEU A 142 4.81 -1.77 -12.75
C LEU A 142 5.59 -0.68 -12.04
N ALA A 143 6.78 -1.01 -11.55
CA ALA A 143 7.53 -0.05 -10.74
C ALA A 143 8.01 1.16 -11.55
N LYS A 144 7.98 1.09 -12.88
CA LYS A 144 8.41 2.24 -13.64
C LYS A 144 7.47 3.41 -13.51
N GLY A 145 6.22 3.16 -13.11
CA GLY A 145 5.26 4.23 -12.98
C GLY A 145 5.02 4.94 -14.30
N ARG A 146 4.86 4.20 -15.39
CA ARG A 146 4.66 4.82 -16.69
C ARG A 146 3.43 4.25 -17.39
N ARG A 147 2.44 3.79 -16.62
CA ARG A 147 1.12 3.46 -17.14
C ARG A 147 0.55 4.64 -17.93
N ALA A 148 -0.20 4.35 -18.99
CA ALA A 148 -0.85 5.41 -19.74
C ALA A 148 -1.80 6.19 -18.84
N GLU A 149 -1.81 7.51 -19.00
CA GLU A 149 -2.76 8.28 -18.22
C GLU A 149 -4.14 8.21 -18.87
N ASP A 150 -5.17 8.44 -18.06
CA ASP A 150 -6.54 8.35 -18.54
C ASP A 150 -6.78 9.36 -19.66
N GLY A 151 -7.03 8.86 -20.87
CA GLY A 151 -7.33 9.74 -21.98
C GLY A 151 -8.71 10.37 -21.87
N SER A 152 -8.94 11.38 -22.71
CA SER A 152 -10.25 12.00 -22.76
C SER A 152 -11.26 11.18 -23.56
N VAL A 153 -10.80 10.20 -24.33
CA VAL A 153 -11.66 9.42 -25.22
C VAL A 153 -11.58 7.95 -24.82
N ILE A 154 -12.74 7.32 -24.73
CA ILE A 154 -12.81 5.89 -24.46
C ILE A 154 -12.58 5.13 -25.76
N ASP A 155 -11.63 4.19 -25.76
CA ASP A 155 -11.23 3.51 -26.99
C ASP A 155 -11.85 2.12 -27.00
N TYR A 156 -13.12 2.08 -27.42
CA TYR A 156 -13.90 0.84 -27.35
C TYR A 156 -13.33 -0.24 -28.24
N GLU A 157 -12.78 0.15 -29.40
CA GLU A 157 -12.18 -0.84 -30.26
C GLU A 157 -11.02 -1.53 -29.56
N LEU A 158 -10.18 -0.76 -28.86
CA LEU A 158 -9.05 -1.34 -28.13
C LEU A 158 -9.52 -2.09 -26.88
N ILE A 159 -10.61 -1.64 -26.25
CA ILE A 159 -11.17 -2.38 -25.10
C ILE A 159 -11.54 -3.80 -25.52
N ASP A 160 -12.20 -3.93 -26.65
CA ASP A 160 -12.58 -5.25 -27.14
C ASP A 160 -11.36 -6.07 -27.55
N GLN A 161 -10.42 -5.46 -28.27
CA GLN A 161 -9.24 -6.22 -28.70
C GLN A 161 -8.42 -6.70 -27.50
N ASP A 162 -8.24 -5.83 -26.50
CA ASP A 162 -7.53 -6.22 -25.27
C ASP A 162 -8.23 -7.38 -24.55
N ALA A 163 -9.57 -7.35 -24.46
CA ALA A 163 -10.30 -8.44 -23.83
C ALA A 163 -10.08 -9.76 -24.55
N ARG A 164 -10.20 -9.77 -25.89
CA ARG A 164 -9.92 -10.98 -26.66
C ARG A 164 -8.50 -11.46 -26.45
N ASP A 165 -7.54 -10.53 -26.43
CA ASP A 165 -6.14 -10.90 -26.27
C ASP A 165 -5.92 -11.52 -24.90
N LEU A 166 -6.52 -10.94 -23.85
CA LEU A 166 -6.37 -11.54 -22.52
C LEU A 166 -6.95 -12.94 -22.50
N TYR A 167 -8.06 -13.16 -23.21
CA TYR A 167 -8.71 -14.47 -23.21
C TYR A 167 -7.88 -15.47 -24.02
N ASP A 168 -7.44 -15.02 -25.20
CA ASP A 168 -6.63 -15.86 -26.08
C ASP A 168 -5.27 -16.20 -25.48
N ALA A 169 -4.74 -15.32 -24.61
CA ALA A 169 -3.48 -15.58 -23.94
C ALA A 169 -3.61 -16.47 -22.71
N GLY A 170 -4.83 -16.73 -22.24
CA GLY A 170 -4.97 -17.43 -20.99
C GLY A 170 -5.91 -18.62 -21.03
N VAL A 171 -7.16 -18.39 -20.63
CA VAL A 171 -8.11 -19.48 -20.47
C VAL A 171 -8.31 -20.25 -21.80
N LYS A 172 -8.36 -19.53 -22.91
CA LYS A 172 -8.68 -20.18 -24.19
C LYS A 172 -7.57 -21.11 -24.68
N ARG A 173 -6.35 -20.98 -24.17
CA ARG A 173 -5.23 -21.77 -24.69
C ARG A 173 -4.59 -22.65 -23.62
N LYS A 174 -3.93 -23.71 -24.07
N LYS A 174 -3.91 -23.70 -24.08
CA LYS A 174 -3.11 -24.50 -23.17
CA LYS A 174 -3.09 -24.50 -23.19
C LYS A 174 -1.93 -23.66 -22.69
C LYS A 174 -1.92 -23.65 -22.70
N GLY A 175 -1.66 -23.71 -21.39
CA GLY A 175 -0.66 -22.79 -20.88
C GLY A 175 -1.16 -21.34 -20.85
N THR A 176 -0.20 -20.42 -20.74
CA THR A 176 -0.47 -18.99 -20.61
C THR A 176 0.61 -18.21 -21.34
N ASP A 177 0.19 -17.23 -22.13
CA ASP A 177 1.10 -16.25 -22.70
C ASP A 177 1.23 -15.10 -21.69
N VAL A 178 2.04 -15.33 -20.66
CA VAL A 178 2.17 -14.34 -19.59
C VAL A 178 2.65 -12.98 -20.06
N PRO A 179 3.60 -12.87 -21.01
CA PRO A 179 4.00 -11.53 -21.47
C PRO A 179 2.87 -10.72 -22.08
N LYS A 180 1.89 -11.36 -22.74
CA LYS A 180 0.75 -10.61 -23.24
C LYS A 180 -0.08 -10.03 -22.10
N TRP A 181 -0.32 -10.83 -21.05
CA TRP A 181 -0.99 -10.31 -19.85
C TRP A 181 -0.22 -9.14 -19.24
N ILE A 182 1.11 -9.26 -19.13
CA ILE A 182 1.91 -8.21 -18.51
C ILE A 182 1.85 -6.91 -19.32
N SER A 183 1.94 -7.02 -20.66
N SER A 183 1.91 -7.00 -20.66
CA SER A 183 1.85 -5.84 -21.53
CA SER A 183 1.87 -5.81 -21.49
C SER A 183 0.56 -5.06 -21.30
C SER A 183 0.55 -5.05 -21.31
N ILE A 184 -0.57 -5.76 -21.43
CA ILE A 184 -1.89 -5.09 -21.37
C ILE A 184 -2.13 -4.50 -19.99
N MET A 185 -1.84 -5.27 -18.95
CA MET A 185 -2.19 -4.88 -17.59
C MET A 185 -1.23 -3.86 -16.98
N THR A 186 -0.03 -3.71 -17.55
CA THR A 186 0.85 -2.63 -17.10
C THR A 186 0.74 -1.36 -17.93
N GLU A 187 0.43 -1.46 -19.24
CA GLU A 187 0.53 -0.27 -20.08
C GLU A 187 -0.77 0.52 -20.22
N ARG A 188 -1.93 -0.15 -20.22
CA ARG A 188 -3.19 0.56 -20.43
C ARG A 188 -3.61 1.36 -19.21
N SER A 189 -4.32 2.46 -19.45
CA SER A 189 -4.82 3.30 -18.37
C SER A 189 -5.79 2.52 -17.45
N VAL A 190 -5.92 3.00 -16.22
CA VAL A 190 -6.81 2.35 -15.27
C VAL A 190 -8.26 2.33 -15.74
N PRO A 191 -8.86 3.45 -16.20
CA PRO A 191 -10.26 3.37 -16.64
C PRO A 191 -10.44 2.48 -17.85
N HIS A 192 -9.42 2.40 -18.71
CA HIS A 192 -9.49 1.48 -19.84
C HIS A 192 -9.56 0.03 -19.38
N LEU A 193 -8.67 -0.35 -18.47
CA LEU A 193 -8.62 -1.73 -18.04
C LEU A 193 -9.87 -2.10 -17.24
N GLN A 194 -10.45 -1.16 -16.50
CA GLN A 194 -11.74 -1.42 -15.88
C GLN A 194 -12.75 -1.92 -16.92
N LYS A 195 -12.80 -1.24 -18.06
CA LYS A 195 -13.75 -1.62 -19.11
C LYS A 195 -13.31 -2.90 -19.81
N VAL A 196 -12.00 -3.09 -19.96
CA VAL A 196 -11.49 -4.34 -20.55
C VAL A 196 -11.91 -5.52 -19.68
N PHE A 197 -11.80 -5.40 -18.36
CA PHE A 197 -12.14 -6.56 -17.53
C PHE A 197 -13.63 -6.89 -17.63
N ASP A 198 -14.55 -5.90 -17.77
N ASP A 198 -14.49 -5.88 -17.78
CA ASP A 198 -15.95 -6.29 -17.99
CA ASP A 198 -15.92 -6.11 -17.96
C ASP A 198 -16.14 -6.90 -19.36
C ASP A 198 -16.20 -6.76 -19.32
N ARG A 199 -15.52 -6.30 -20.37
CA ARG A 199 -15.67 -6.86 -21.72
C ARG A 199 -15.10 -8.27 -21.80
N TYR A 200 -14.02 -8.51 -21.08
CA TYR A 200 -13.45 -9.86 -20.95
C TYR A 200 -14.50 -10.90 -20.53
N LYS A 201 -15.47 -10.51 -19.67
CA LYS A 201 -16.51 -11.46 -19.24
C LYS A 201 -17.45 -11.88 -20.35
N SER A 202 -17.48 -11.14 -21.45
CA SER A 202 -18.31 -11.53 -22.60
C SER A 202 -17.71 -12.73 -23.35
N TYR A 203 -16.37 -12.84 -23.36
CA TYR A 203 -15.64 -13.87 -24.09
C TYR A 203 -15.37 -15.08 -23.23
N SER A 204 -15.09 -14.83 -21.97
CA SER A 204 -14.60 -15.89 -21.07
C SER A 204 -15.69 -16.37 -20.13
N PRO A 205 -15.76 -17.67 -19.86
CA PRO A 205 -16.72 -18.17 -18.88
C PRO A 205 -16.38 -17.78 -17.45
N TYR A 206 -15.17 -17.31 -17.18
CA TYR A 206 -14.74 -16.87 -15.86
C TYR A 206 -14.30 -15.42 -15.90
N ASP A 207 -14.46 -14.70 -14.79
CA ASP A 207 -14.01 -13.32 -14.77
C ASP A 207 -12.48 -13.26 -14.65
N MET A 208 -11.92 -12.03 -14.69
CA MET A 208 -10.46 -11.91 -14.73
C MET A 208 -9.81 -12.54 -13.50
N LEU A 209 -10.36 -12.28 -12.32
CA LEU A 209 -9.75 -12.82 -11.10
C LEU A 209 -9.77 -14.34 -11.11
N GLU A 210 -10.91 -14.95 -11.43
CA GLU A 210 -10.95 -16.42 -11.48
C GLU A 210 -10.05 -16.97 -12.58
N SER A 211 -9.95 -16.27 -13.72
CA SER A 211 -9.02 -16.70 -14.78
C SER A 211 -7.57 -16.70 -14.28
N ILE A 212 -7.19 -15.70 -13.50
CA ILE A 212 -5.83 -15.67 -12.94
C ILE A 212 -5.60 -16.88 -12.05
N ARG A 213 -6.59 -17.18 -11.20
CA ARG A 213 -6.43 -18.32 -10.30
C ARG A 213 -6.31 -19.62 -11.08
N LYS A 214 -7.02 -19.74 -12.19
CA LYS A 214 -6.95 -20.97 -12.98
C LYS A 214 -5.66 -21.06 -13.79
N GLU A 215 -5.03 -19.94 -14.14
CA GLU A 215 -3.95 -19.97 -15.12
C GLU A 215 -2.56 -19.97 -14.51
N VAL A 216 -2.33 -19.23 -13.41
CA VAL A 216 -0.97 -19.06 -12.89
C VAL A 216 -0.97 -19.42 -11.40
N LYS A 217 0.22 -19.44 -10.81
CA LYS A 217 0.39 -19.88 -9.43
C LYS A 217 1.41 -18.99 -8.71
N GLY A 218 1.46 -19.14 -7.39
CA GLY A 218 2.58 -18.59 -6.63
C GLY A 218 2.58 -17.08 -6.61
N ASP A 219 3.80 -16.51 -6.63
CA ASP A 219 3.95 -15.05 -6.57
C ASP A 219 3.31 -14.37 -7.77
N LEU A 220 3.46 -14.94 -8.97
CA LEU A 220 2.82 -14.37 -10.16
C LEU A 220 1.31 -14.26 -9.98
N GLU A 221 0.69 -15.34 -9.52
CA GLU A 221 -0.75 -15.30 -9.26
C GLU A 221 -1.10 -14.21 -8.25
N ASN A 222 -0.45 -14.21 -7.10
CA ASN A 222 -0.68 -13.17 -6.09
C ASN A 222 -0.60 -11.77 -6.69
N ALA A 223 0.42 -11.52 -7.51
CA ALA A 223 0.63 -10.18 -8.05
C ALA A 223 -0.48 -9.79 -9.01
N PHE A 224 -0.84 -10.67 -9.95
CA PHE A 224 -1.95 -10.35 -10.84
C PHE A 224 -3.25 -10.15 -10.07
N LEU A 225 -3.52 -10.98 -9.05
CA LEU A 225 -4.75 -10.81 -8.27
C LEU A 225 -4.79 -9.46 -7.59
N ASN A 226 -3.67 -9.04 -7.00
CA ASN A 226 -3.66 -7.74 -6.33
C ASN A 226 -3.82 -6.61 -7.34
N LEU A 227 -3.15 -6.73 -8.48
CA LEU A 227 -3.20 -5.66 -9.47
C LEU A 227 -4.61 -5.46 -10.00
N VAL A 228 -5.26 -6.56 -10.37
CA VAL A 228 -6.61 -6.44 -10.91
C VAL A 228 -7.55 -5.83 -9.89
N GLN A 229 -7.43 -6.22 -8.61
CA GLN A 229 -8.30 -5.59 -7.62
C GLN A 229 -7.99 -4.11 -7.50
N CYS A 230 -6.69 -3.75 -7.57
CA CYS A 230 -6.32 -2.35 -7.45
C CYS A 230 -6.87 -1.54 -8.59
N ILE A 231 -6.88 -2.13 -9.78
CA ILE A 231 -7.45 -1.45 -10.96
C ILE A 231 -8.96 -1.32 -10.82
N GLN A 232 -9.63 -2.41 -10.45
CA GLN A 232 -11.10 -2.38 -10.40
C GLN A 232 -11.61 -1.40 -9.33
N ASN A 233 -11.08 -1.48 -8.10
CA ASN A 233 -11.63 -0.66 -7.02
C ASN A 233 -10.58 -0.61 -5.91
N LYS A 234 -9.79 0.44 -5.90
CA LYS A 234 -8.67 0.46 -4.97
C LYS A 234 -9.08 0.63 -3.52
N PRO A 235 -10.07 1.46 -3.18
CA PRO A 235 -10.50 1.48 -1.76
C PRO A 235 -11.05 0.13 -1.31
N LEU A 236 -11.74 -0.58 -2.18
CA LEU A 236 -12.21 -1.91 -1.81
C LEU A 236 -11.04 -2.88 -1.63
N TYR A 237 -10.03 -2.76 -2.50
CA TYR A 237 -8.84 -3.59 -2.34
C TYR A 237 -8.23 -3.43 -0.94
N PHE A 238 -8.10 -2.18 -0.50
CA PHE A 238 -7.53 -1.95 0.84
C PHE A 238 -8.48 -2.40 1.94
N ALA A 239 -9.80 -2.22 1.77
CA ALA A 239 -10.74 -2.75 2.75
C ALA A 239 -10.61 -4.27 2.86
N ASP A 240 -10.48 -4.96 1.73
CA ASP A 240 -10.36 -6.41 1.78
C ASP A 240 -9.03 -6.84 2.39
N ARG A 241 -7.96 -6.12 2.07
CA ARG A 241 -6.67 -6.45 2.64
C ARG A 241 -6.67 -6.21 4.14
N LEU A 242 -7.35 -5.16 4.60
CA LEU A 242 -7.48 -4.94 6.04
C LEU A 242 -8.29 -6.06 6.70
N TYR A 243 -9.45 -6.40 6.12
CA TYR A 243 -10.21 -7.51 6.66
C TYR A 243 -9.35 -8.77 6.75
N ASP A 244 -8.60 -9.06 5.69
CA ASP A 244 -7.74 -10.25 5.70
C ASP A 244 -6.65 -10.18 6.77
N SER A 245 -6.16 -8.98 7.09
CA SER A 245 -5.13 -8.85 8.10
C SER A 245 -5.65 -9.12 9.50
N MET A 246 -6.97 -9.01 9.72
CA MET A 246 -7.59 -9.23 11.02
C MET A 246 -8.51 -10.44 11.17
N LYS A 247 -9.06 -10.97 10.08
CA LYS A 247 -10.24 -11.82 10.20
C LYS A 247 -9.94 -13.09 10.99
N GLY A 248 -8.71 -13.61 10.92
CA GLY A 248 -8.35 -14.89 11.49
C GLY A 248 -7.63 -14.79 12.81
N LYS A 249 -6.95 -15.88 13.17
CA LYS A 249 -6.12 -15.89 14.37
C LYS A 249 -5.07 -14.78 14.37
N GLY A 250 -4.95 -14.08 15.49
CA GLY A 250 -3.94 -13.03 15.54
C GLY A 250 -4.20 -11.95 14.49
N THR A 251 -3.12 -11.25 14.12
CA THR A 251 -3.16 -10.07 13.26
C THR A 251 -1.93 -10.04 12.37
N ARG A 252 -2.11 -9.76 11.07
CA ARG A 252 -0.95 -9.45 10.22
C ARG A 252 -0.63 -7.97 10.44
N ASP A 253 0.03 -7.69 11.57
CA ASP A 253 0.22 -6.31 11.99
C ASP A 253 0.98 -5.50 10.95
N LYS A 254 1.96 -6.11 10.26
CA LYS A 254 2.73 -5.34 9.27
C LYS A 254 1.81 -4.76 8.21
N VAL A 255 0.83 -5.56 7.75
CA VAL A 255 -0.11 -5.12 6.72
C VAL A 255 -1.06 -4.07 7.27
N LEU A 256 -1.63 -4.35 8.45
CA LEU A 256 -2.60 -3.45 9.05
C LEU A 256 -1.99 -2.08 9.31
N ILE A 257 -0.78 -2.06 9.87
CA ILE A 257 -0.11 -0.79 10.17
C ILE A 257 0.18 -0.02 8.89
N ARG A 258 0.74 -0.71 7.89
CA ARG A 258 1.14 -0.04 6.66
C ARG A 258 -0.05 0.59 5.94
N ILE A 259 -1.16 -0.15 5.83
CA ILE A 259 -2.33 0.41 5.16
C ILE A 259 -2.88 1.60 5.94
N MET A 260 -2.98 1.46 7.26
CA MET A 260 -3.65 2.48 8.07
C MET A 260 -2.82 3.77 7.98
N ALA A 261 -1.49 3.61 8.07
CA ALA A 261 -0.57 4.76 7.97
C ALA A 261 -0.57 5.35 6.57
N SER A 262 -0.43 4.51 5.54
CA SER A 262 -0.23 5.07 4.21
C SER A 262 -1.52 5.55 3.57
N ARG A 263 -2.69 5.07 3.99
CA ARG A 263 -3.92 5.54 3.39
C ARG A 263 -4.70 6.53 4.24
N SER A 264 -4.28 6.76 5.49
N SER A 264 -4.28 6.78 5.49
CA SER A 264 -5.05 7.62 6.40
CA SER A 264 -5.09 7.61 6.39
C SER A 264 -5.39 8.96 5.77
C SER A 264 -5.39 8.98 5.77
N GLU A 265 -4.45 9.52 5.00
CA GLU A 265 -4.60 10.82 4.38
C GLU A 265 -4.96 10.75 2.91
N VAL A 266 -5.14 9.57 2.35
CA VAL A 266 -5.42 9.48 0.92
C VAL A 266 -6.88 9.18 0.67
N ASP A 267 -7.33 7.98 1.07
CA ASP A 267 -8.68 7.59 0.72
C ASP A 267 -9.36 6.80 1.84
N MET A 268 -9.07 7.14 3.09
CA MET A 268 -9.53 6.26 4.14
C MET A 268 -11.03 6.36 4.33
N LEU A 269 -11.63 7.50 3.96
CA LEU A 269 -13.09 7.58 4.00
C LEU A 269 -13.71 6.59 3.02
N LYS A 270 -13.15 6.45 1.81
CA LYS A 270 -13.68 5.48 0.87
C LYS A 270 -13.42 4.04 1.32
N ILE A 271 -12.24 3.81 1.91
CA ILE A 271 -11.93 2.48 2.44
C ILE A 271 -12.95 2.10 3.52
N ARG A 272 -13.20 3.02 4.45
CA ARG A 272 -14.21 2.80 5.50
C ARG A 272 -15.60 2.57 4.92
N SER A 273 -15.99 3.34 3.90
CA SER A 273 -17.31 3.15 3.28
C SER A 273 -17.42 1.76 2.65
N GLU A 274 -16.41 1.36 1.87
CA GLU A 274 -16.45 0.04 1.25
C GLU A 274 -16.40 -1.07 2.31
N PHE A 275 -15.59 -0.87 3.35
CA PHE A 275 -15.47 -1.89 4.39
C PHE A 275 -16.82 -2.10 5.09
N LYS A 276 -17.47 -1.00 5.51
CA LYS A 276 -18.74 -1.11 6.24
C LYS A 276 -19.82 -1.72 5.37
N ARG A 277 -19.86 -1.36 4.09
CA ARG A 277 -20.87 -1.89 3.20
C ARG A 277 -20.69 -3.39 2.98
N LYS A 278 -19.46 -3.83 2.82
CA LYS A 278 -19.23 -5.24 2.56
C LYS A 278 -19.36 -6.08 3.82
N TYR A 279 -18.77 -5.61 4.92
CA TYR A 279 -18.61 -6.46 6.09
C TYR A 279 -19.64 -6.20 7.16
N GLY A 280 -20.43 -5.14 7.01
CA GLY A 280 -21.56 -4.89 7.88
C GLY A 280 -21.20 -4.21 9.18
N LYS A 281 -20.00 -4.42 9.69
CA LYS A 281 -19.52 -3.63 10.82
C LYS A 281 -18.38 -2.76 10.32
N SER A 282 -18.04 -1.75 11.13
CA SER A 282 -17.07 -0.73 10.74
C SER A 282 -15.63 -1.27 10.80
N LEU A 283 -14.75 -0.64 10.01
CA LEU A 283 -13.31 -0.89 10.16
C LEU A 283 -12.87 -0.64 11.61
N TYR A 284 -13.38 0.45 12.18
CA TYR A 284 -13.12 0.79 13.59
C TYR A 284 -13.37 -0.40 14.51
N TYR A 285 -14.52 -1.06 14.33
CA TYR A 285 -14.88 -2.20 15.16
C TYR A 285 -13.87 -3.34 15.02
N TYR A 286 -13.46 -3.66 13.77
CA TYR A 286 -12.53 -4.77 13.60
C TYR A 286 -11.20 -4.47 14.25
N ILE A 287 -10.74 -3.21 14.15
CA ILE A 287 -9.50 -2.82 14.79
C ILE A 287 -9.63 -2.99 16.29
N GLN A 288 -10.75 -2.55 16.85
CA GLN A 288 -10.99 -2.67 18.30
C GLN A 288 -10.92 -4.12 18.76
N GLN A 289 -11.47 -5.03 17.96
CA GLN A 289 -11.48 -6.44 18.36
C GLN A 289 -10.12 -7.11 18.20
N ASP A 290 -9.27 -6.64 17.28
CA ASP A 290 -8.01 -7.33 17.02
C ASP A 290 -6.80 -6.76 17.75
N THR A 291 -6.85 -5.53 18.25
CA THR A 291 -5.66 -4.89 18.78
C THR A 291 -6.00 -4.31 20.14
N LYS A 292 -4.98 -3.92 20.89
CA LYS A 292 -5.23 -3.44 22.25
C LYS A 292 -4.26 -2.33 22.60
N GLY A 293 -4.55 -1.66 23.72
CA GLY A 293 -3.60 -0.71 24.28
C GLY A 293 -3.43 0.58 23.48
N ASP A 294 -2.26 1.20 23.67
CA ASP A 294 -2.01 2.45 22.95
C ASP A 294 -1.84 2.18 21.46
N TYR A 295 -1.41 0.98 21.10
CA TYR A 295 -1.33 0.60 19.69
C TYR A 295 -2.70 0.69 19.04
N GLN A 296 -3.71 0.06 19.68
CA GLN A 296 -5.09 0.17 19.25
C GLN A 296 -5.50 1.63 19.12
N LYS A 297 -5.26 2.41 20.17
CA LYS A 297 -5.64 3.82 20.15
C LYS A 297 -5.09 4.54 18.92
N ALA A 298 -3.82 4.27 18.57
CA ALA A 298 -3.16 4.92 17.45
C ALA A 298 -3.86 4.55 16.14
N LEU A 299 -4.14 3.26 15.94
CA LEU A 299 -4.80 2.85 14.71
C LEU A 299 -6.20 3.43 14.60
N LEU A 300 -6.90 3.54 15.73
CA LEU A 300 -8.27 4.07 15.67
C LEU A 300 -8.26 5.54 15.29
N TYR A 301 -7.25 6.30 15.71
CA TYR A 301 -7.15 7.69 15.26
C TYR A 301 -6.83 7.75 13.76
N LEU A 302 -6.00 6.83 13.27
CA LEU A 302 -5.73 6.82 11.83
C LEU A 302 -6.97 6.44 11.03
N CYS A 303 -7.79 5.57 11.61
CA CYS A 303 -9.10 5.25 11.03
C CYS A 303 -9.96 6.50 10.93
N GLY A 304 -10.06 7.27 12.02
CA GLY A 304 -10.68 8.57 11.96
C GLY A 304 -12.12 8.62 12.44
N GLY A 305 -12.68 7.51 12.85
CA GLY A 305 -14.04 7.50 13.35
C GLY A 305 -14.69 6.17 13.11
N ASP A 306 -15.82 5.96 13.80
CA ASP A 306 -16.63 4.76 13.68
C ASP A 306 -17.60 4.87 12.51
N ASP A 307 -17.88 3.73 11.88
CA ASP A 307 -18.52 3.62 10.56
C ASP A 307 -17.74 4.36 9.45
C1' K39 B 1 -10.69 -23.70 -23.38
C2 K39 B 1 -9.55 -27.80 -22.56
C2' K39 B 1 -11.70 -24.36 -24.30
C3' K39 B 1 -13.01 -23.80 -23.79
C4 K39 B 1 -10.06 -25.72 -21.99
C4' K39 B 1 -12.63 -22.36 -23.42
C5 K39 B 1 -9.94 -25.94 -20.64
C5' K39 B 1 -13.41 -21.77 -22.27
C6 K39 B 1 -9.58 -27.23 -20.17
C8 K39 B 1 -10.50 -23.90 -20.85
CA' K39 B 1 -10.44 -24.70 -26.30
CB' K39 B 1 -10.27 -24.18 -27.69
CD' K39 B 1 -11.55 -25.78 -28.88
N1 K39 B 1 -9.41 -28.12 -21.23
N2 K39 B 1 -9.33 -28.80 -23.43
N3 K39 B 1 -9.88 -26.61 -23.00
N7 K39 B 1 -10.21 -24.77 -19.92
N9 K39 B 1 -10.43 -24.41 -22.12
O2' K39 B 1 -11.44 -23.94 -25.63
O3' K39 B 1 -14.04 -23.71 -24.80
O4' K39 B 1 -11.23 -22.42 -23.06
O5' K39 B 1 -13.36 -22.68 -21.16
O6 K39 B 1 -9.43 -27.61 -19.01
OC' K39 B 1 -11.45 -24.43 -28.41
C N7X B 2 -12.10 -31.77 -26.25
C1 N7X B 2 -11.78 -32.59 -27.45
C1' N7X B 2 -12.42 -29.28 -24.75
C12 N7X B 2 -12.92 -32.54 -29.49
C2 N7X B 2 -12.31 -30.35 -22.54
C2' N7X B 2 -13.53 -30.02 -25.49
C3' N7X B 2 -14.41 -28.89 -25.99
C4 N7X B 2 -12.68 -29.12 -20.56
C4' N7X B 2 -13.39 -27.82 -26.33
C5 N7X B 2 -12.98 -27.94 -21.30
C5' N7X B 2 -13.96 -26.43 -26.34
C6 N7X B 2 -12.92 -28.04 -22.64
C7 N7X B 2 -13.37 -26.67 -20.57
N1 N7X B 2 -12.58 -29.18 -23.28
N3 N7X B 2 -12.36 -30.26 -21.18
N4 N7X B 2 -12.71 -29.12 -19.23
O12 N7X B 2 -12.99 -32.84 -28.10
O2 N7X B 2 -12.01 -31.39 -23.13
O2' N7X B 2 -12.96 -30.71 -26.60
O3' N7X B 2 -15.13 -29.29 -27.16
O4' N7X B 2 -12.37 -27.95 -25.30
O5' N7X B 2 -14.57 -26.13 -25.08
OP2 N7X B 2 -16.25 -24.41 -25.89
P N7X B 2 -15.27 -24.73 -24.78
S N7X B 2 -15.95 -24.93 -23.02
C N7X B 3 -17.27 -36.90 -24.36
C1 N7X B 3 -16.71 -38.08 -25.10
C1' N7X B 3 -15.63 -33.74 -23.81
C12 N7X B 3 -14.55 -39.02 -25.37
C2 N7X B 3 -15.74 -33.19 -21.42
C2' N7X B 3 -16.89 -34.53 -24.19
C3' N7X B 3 -17.42 -33.66 -25.32
C4 N7X B 3 -16.00 -30.97 -20.71
C4' N7X B 3 -16.13 -33.31 -26.06
C5 N7X B 3 -16.15 -30.50 -22.05
C5' N7X B 3 -16.18 -32.14 -27.00
C6 N7X B 3 -16.04 -31.43 -23.01
C7 N7X B 3 -16.43 -29.05 -22.32
N1 N7X B 3 -15.82 -32.75 -22.74
N3 N7X B 3 -15.83 -32.27 -20.43
N4 N7X B 3 -15.95 -30.10 -19.70
O12 N7X B 3 -15.52 -38.51 -24.47
O2 N7X B 3 -15.65 -34.40 -21.20
O2' N7X B 3 -16.47 -35.78 -24.73
O3' N7X B 3 -18.29 -34.31 -26.25
O4' N7X B 3 -15.18 -33.08 -24.99
O5' N7X B 3 -16.81 -31.00 -26.37
OP2 N7X B 3 -17.28 -29.71 -28.45
P N7X B 3 -16.71 -29.56 -27.08
S N7X B 3 -17.55 -28.36 -25.88
C2 K2F B 4 -18.67 -33.46 -16.64
C2 K2F B 4 -18.66 -33.42 -16.65
C4 K2F B 4 -18.93 -33.52 -18.82
C4 K2F B 4 -18.93 -33.50 -18.82
C1' K2F B 4 -19.10 -35.38 -20.51
C1' K2F B 4 -19.09 -35.38 -20.50
C2' K2F B 4 -20.39 -36.12 -20.12
C2' K2F B 4 -20.36 -36.13 -20.11
C3' K2F B 4 -21.29 -35.78 -21.29
C3' K2F B 4 -21.28 -35.79 -21.27
C4' K2F B 4 -20.32 -35.77 -22.48
C4' K2F B 4 -20.32 -35.78 -22.46
C5 K2F B 4 -18.90 -32.14 -18.92
C5 K2F B 4 -18.90 -32.13 -18.93
C5' K2F B 4 -20.67 -34.80 -23.57
C5' K2F B 4 -20.66 -34.81 -23.56
C6 K2F B 4 -18.71 -31.42 -17.73
C6 K2F B 4 -18.72 -31.39 -17.74
C8 K2F B 4 -19.14 -32.86 -20.91
C8 K2F B 4 -19.15 -32.87 -20.91
CA' K2F B 4 -19.10 -37.85 -19.11
CA' K2F B 4 -19.06 -37.84 -19.06
CB' K2F B 4 -18.88 -39.34 -19.14
CB' K2F B 4 -18.85 -39.32 -19.02
CD' K2F B 4 -20.34 -40.47 -17.70
CD' K2F B 4 -20.40 -40.46 -17.67
N1 K2F B 4 -18.61 -32.12 -16.58
N1 K2F B 4 -18.60 -32.08 -16.59
N3 K2F B 4 -18.83 -34.25 -17.70
N3 K2F B 4 -18.81 -34.22 -17.70
N6 K2F B 4 -18.62 -30.09 -17.68
N6 K2F B 4 -18.64 -30.06 -17.70
N7 K2F B 4 -19.04 -31.74 -20.24
N7 K2F B 4 -19.05 -31.73 -20.25
N9 K2F B 4 -19.08 -33.98 -20.11
N9 K2F B 4 -19.08 -33.98 -20.10
O2' K2F B 4 -20.12 -37.51 -20.04
O2' K2F B 4 -20.08 -37.52 -20.02
O3' K2F B 4 -22.28 -36.78 -21.48
O3' K2F B 4 -22.28 -36.78 -21.48
O4' K2F B 4 -19.03 -35.45 -21.93
O4' K2F B 4 -19.02 -35.45 -21.92
O5' K2F B 4 -20.07 -35.25 -24.80
O5' K2F B 4 -20.06 -35.25 -24.78
OC' K2F B 4 -20.11 -40.03 -19.02
OC' K2F B 4 -20.10 -40.00 -18.98
OP2 K2F B 4 -20.56 -34.96 -27.17
OP2 K2F B 4 -20.31 -32.91 -25.60
P K2F B 4 -19.88 -34.28 -26.04
P K2F B 4 -19.88 -34.27 -26.02
SP1 K2F B 4 -20.48 -32.55 -25.53
SP1 K2F B 4 -20.77 -35.11 -27.48
C1' K39 B 5 -22.17 -36.15 -15.99
C2 K39 B 5 -21.60 -32.57 -13.61
C2' K39 B 5 -23.52 -36.60 -15.42
C3' K39 B 5 -24.22 -37.14 -16.64
C4 K39 B 5 -21.95 -33.67 -15.49
C4' K39 B 5 -23.08 -37.80 -17.40
C5 K39 B 5 -21.98 -32.55 -16.30
C5' K39 B 5 -23.27 -37.96 -18.89
C6 K39 B 5 -21.76 -31.27 -15.69
C8 K39 B 5 -22.28 -34.18 -17.62
CA' K39 B 5 -22.64 -37.13 -13.25
CB' K39 B 5 -21.99 -38.28 -12.54
CD' K39 B 5 -20.91 -40.27 -13.15
N1 K39 B 5 -21.58 -31.40 -14.31
N2 K39 B 5 -21.39 -32.48 -12.29
N3 K39 B 5 -21.79 -33.76 -14.17
N7 K39 B 5 -22.19 -32.88 -17.62
N9 K39 B 5 -22.14 -34.73 -16.36
O2' K39 B 5 -23.29 -37.60 -14.43
O3' K39 B 5 -25.23 -38.09 -16.29
O4' K39 B 5 -21.95 -36.93 -17.17
O5' K39 B 5 -23.75 -36.73 -19.45
O6 K39 B 5 -21.71 -30.17 -16.23
OC' K39 B 5 -22.01 -39.41 -13.38
OP2 K39 B 5 -24.71 -37.50 -21.62
P K39 B 5 -23.80 -36.49 -21.03
SP1 K39 B 5 -24.21 -34.65 -21.19
P GS B 6 -26.76 -37.64 -16.16
P GS B 6 -26.77 -37.68 -16.33
OP1 GS B 6 -27.63 -38.83 -15.99
OP1 GS B 6 -27.04 -36.80 -17.51
S2P GS B 6 -27.20 -36.38 -17.52
S2P GS B 6 -27.87 -39.21 -16.06
O5' GS B 6 -26.81 -36.80 -14.81
O5' GS B 6 -26.94 -36.72 -15.07
C5' GS B 6 -26.48 -37.40 -13.55
C5' GS B 6 -27.10 -37.25 -13.74
C4' GS B 6 -26.56 -36.36 -12.45
C4' GS B 6 -26.58 -36.29 -12.69
O4' GS B 6 -25.60 -35.32 -12.72
O4' GS B 6 -25.43 -35.57 -13.20
C3' GS B 6 -27.93 -35.68 -12.31
C3' GS B 6 -27.56 -35.20 -12.25
O3' GS B 6 -28.46 -35.88 -10.99
O3' GS B 6 -28.38 -35.66 -11.17
C2' GS B 6 -27.64 -34.21 -12.54
C2' GS B 6 -26.62 -34.10 -11.76
C1' GS B 6 -26.15 -34.10 -12.27
C1' GS B 6 -25.39 -34.25 -12.66
N9 GS B 6 -25.51 -32.99 -12.99
N9 GS B 6 -25.35 -33.31 -13.77
C8 GS B 6 -24.97 -31.87 -12.41
C8 GS B 6 -25.62 -33.56 -15.09
N7 GS B 6 -24.67 -30.95 -13.30
N7 GS B 6 -25.53 -32.50 -15.85
C5 GS B 6 -25.02 -31.51 -14.51
C5 GS B 6 -25.16 -31.48 -14.97
C6 GS B 6 -24.95 -30.97 -15.82
C6 GS B 6 -24.91 -30.11 -15.20
O6 GS B 6 -24.60 -29.83 -16.16
O6 GS B 6 -24.96 -29.51 -16.29
N1 GS B 6 -25.37 -31.89 -16.78
N1 GS B 6 -24.58 -29.44 -14.04
C2 GS B 6 -25.81 -33.17 -16.50
C2 GS B 6 -24.49 -30.02 -12.80
N2 GS B 6 -26.10 -33.93 -17.57
N2 GS B 6 -24.14 -29.20 -11.79
N3 GS B 6 -25.92 -33.66 -15.29
N3 GS B 6 -24.71 -31.30 -12.56
C4 GS B 6 -25.51 -32.79 -14.34
C4 GS B 6 -25.04 -31.97 -13.68
C2 OKN B 7 -27.40 -28.37 -11.70
C2 OKN B 7 -27.37 -28.28 -11.63
C4 OKN B 7 -27.85 -28.88 -13.95
C4 OKN B 7 -27.80 -28.81 -13.87
C1' OKN B 7 -27.73 -30.07 -9.94
C1' OKN B 7 -27.64 -29.98 -9.86
C2' OKN B 7 -29.01 -29.72 -9.17
C2' OKN B 7 -28.84 -29.50 -9.03
C3' OKN B 7 -29.64 -31.08 -8.86
C3' OKN B 7 -29.64 -30.77 -8.81
C4' OKN B 7 -28.43 -32.01 -8.84
C4' OKN B 7 -28.56 -31.84 -8.77
C5 OKN B 7 -28.24 -30.21 -13.62
C5 OKN B 7 -28.16 -30.16 -13.54
C5' OKN B 7 -28.71 -33.48 -9.05
C5' OKN B 7 -29.00 -33.27 -9.02
C6 OKN B 7 -28.19 -30.54 -12.32
C6 OKN B 7 -28.08 -30.48 -12.24
CM5 OKN B 7 -28.70 -31.16 -14.69
CM5 OKN B 7 -28.59 -31.12 -14.61
N1 OKN B 7 -27.78 -29.67 -11.35
N1 OKN B 7 -27.70 -29.59 -11.28
N3 OKN B 7 -27.44 -28.02 -13.01
N3 OKN B 7 -27.44 -27.93 -12.94
N4 OKN B 7 -27.84 -28.48 -15.22
N4 OKN B 7 -27.82 -28.42 -15.15
O2 OKN B 7 -27.06 -27.59 -10.80
O2 OKN B 7 -27.05 -27.48 -10.74
O3' OKN B 7 -30.31 -31.05 -7.61
O3' OKN B 7 -30.37 -30.71 -7.59
O4' OKN B 7 -27.58 -31.49 -9.88
O4' OKN B 7 -27.62 -31.41 -9.78
O5' OKN B 7 -29.54 -33.75 -10.18
O5' OKN B 7 -29.40 -33.50 -10.38
OP1 OKN B 7 -30.39 -35.89 -9.35
OP1 OKN B 7 -30.55 -34.79 -12.14
P OKN B 7 -29.89 -35.26 -10.60
P OKN B 7 -29.79 -34.97 -10.88
S01 OKN B 7 -31.03 -35.19 -12.12
S01 OKN B 7 -30.65 -35.81 -9.40
P PST B 8 -31.81 -30.48 -7.50
P PST B 8 -31.93 -30.29 -7.62
OP2 PST B 8 -32.38 -30.76 -6.16
OP2 PST B 8 -32.52 -30.60 -8.94
SP PST B 8 -32.81 -30.97 -9.04
SP PST B 8 -32.80 -30.90 -6.05
O5' PST B 8 -31.60 -28.90 -7.59
O5' PST B 8 -31.87 -28.69 -7.53
C5' PST B 8 -30.89 -28.19 -6.56
C5' PST B 8 -30.99 -28.02 -6.61
C4' PST B 8 -30.74 -26.73 -6.89
C4' PST B 8 -30.86 -26.55 -6.94
O4' PST B 8 -29.91 -26.56 -8.06
O4' PST B 8 -29.87 -26.36 -7.97
C3' PST B 8 -32.04 -26.00 -7.24
C3' PST B 8 -32.10 -25.87 -7.48
O3' PST B 8 -32.69 -25.54 -6.06
O3' PST B 8 -33.03 -25.50 -6.45
C2' PST B 8 -31.55 -24.84 -8.09
C2' PST B 8 -31.52 -24.66 -8.18
C1' PST B 8 -30.28 -25.37 -8.75
C1' PST B 8 -30.24 -25.23 -8.78
N1 PST B 8 -30.46 -25.71 -10.19
N1 PST B 8 -30.40 -25.70 -10.18
C2 PST B 8 -30.15 -24.74 -11.11
C2 PST B 8 -30.12 -24.79 -11.18
O2 PST B 8 -29.77 -23.63 -10.80
O2 PST B 8 -29.74 -23.65 -10.96
N3 PST B 8 -30.31 -25.14 -12.42
N3 PST B 8 -30.32 -25.26 -12.45
C4 PST B 8 -30.73 -26.38 -12.88
C4 PST B 8 -30.76 -26.53 -12.81
O4 PST B 8 -30.81 -26.58 -14.09
O4 PST B 8 -30.89 -26.82 -14.00
C5 PST B 8 -31.04 -27.34 -11.84
C5 PST B 8 -31.01 -27.43 -11.71
C5M PST B 8 -31.50 -28.70 -12.25
C5M PST B 8 -31.50 -28.82 -12.00
C6 PST B 8 -30.88 -26.96 -10.57
C6 PST B 8 -30.83 -26.97 -10.45
P GS B 9 -34.23 -25.06 -6.14
P GS B 9 -34.61 -25.45 -6.78
OP1 GS B 9 -34.80 -24.99 -4.78
OP1 GS B 9 -35.03 -26.73 -7.41
S2P GS B 9 -35.15 -26.05 -7.48
S2P GS B 9 -35.57 -24.82 -5.26
O5' GS B 9 -34.10 -23.56 -6.67
O5' GS B 9 -34.71 -24.32 -7.90
C5' GS B 9 -34.86 -23.11 -7.80
C5' GS B 9 -35.21 -23.00 -7.59
C4' GS B 9 -34.25 -21.88 -8.43
C4' GS B 9 -34.48 -21.92 -8.37
O4' GS B 9 -33.06 -22.25 -9.18
O4' GS B 9 -33.39 -22.52 -9.13
C3' GS B 9 -35.15 -21.16 -9.44
C3' GS B 9 -35.31 -21.17 -9.39
O3' GS B 9 -35.94 -20.16 -8.80
O3' GS B 9 -35.91 -20.01 -8.80
C2' GS B 9 -34.15 -20.56 -10.41
C2' GS B 9 -34.29 -20.75 -10.43
C1' GS B 9 -33.08 -21.65 -10.47
C1' GS B 9 -33.29 -21.90 -10.41
N9 GS B 9 -33.36 -22.69 -11.44
N9 GS B 9 -33.54 -22.93 -11.43
C8 GS B 9 -33.62 -24.02 -11.19
C8 GS B 9 -33.82 -24.25 -11.21
N7 GS B 9 -33.79 -24.72 -12.28
N7 GS B 9 -33.93 -24.94 -12.32
C5 GS B 9 -33.63 -23.80 -13.31
C5 GS B 9 -33.71 -24.00 -13.32
C6 GS B 9 -33.69 -23.99 -14.71
C6 GS B 9 -33.71 -24.16 -14.73
O6 GS B 9 -33.85 -25.04 -15.33
O6 GS B 9 -33.83 -25.20 -15.38
N1 GS B 9 -33.48 -22.79 -15.40
N1 GS B 9 -33.47 -22.95 -15.38
C2 GS B 9 -33.24 -21.58 -14.80
C2 GS B 9 -33.26 -21.75 -14.75
N2 GS B 9 -33.08 -20.53 -15.63
N2 GS B 9 -33.07 -20.69 -15.55
N3 GS B 9 -33.17 -21.40 -13.49
N3 GS B 9 -33.26 -21.59 -13.44
C4 GS B 9 -33.38 -22.55 -12.82
C4 GS B 9 -33.48 -22.76 -12.79
P GS B 10 -37.51 -20.07 -9.14
P GS B 10 -37.42 -19.63 -9.15
OP1 GS B 10 -38.16 -19.09 -8.22
OP1 GS B 10 -38.27 -20.85 -9.12
S2P GS B 10 -38.26 -21.81 -9.31
S2P GS B 10 -37.95 -18.12 -8.12
O5' GS B 10 -37.53 -19.42 -10.60
O5' GS B 10 -37.36 -19.18 -10.68
C5' GS B 10 -36.90 -18.15 -10.85
C5' GS B 10 -36.78 -17.92 -11.06
C4' GS B 10 -36.90 -17.81 -12.33
C4' GS B 10 -36.88 -17.67 -12.55
O4' GS B 10 -36.35 -18.92 -13.08
O4' GS B 10 -36.35 -18.82 -13.27
C3' GS B 10 -38.26 -17.51 -12.94
C3' GS B 10 -38.30 -17.45 -13.09
O3' GS B 10 -38.17 -16.41 -13.85
O3' GS B 10 -38.29 -16.36 -14.02
C2' GS B 10 -38.61 -18.79 -13.68
C2' GS B 10 -38.62 -18.75 -13.80
C1' GS B 10 -37.24 -19.27 -14.13
C1' GS B 10 -37.26 -19.21 -14.28
N9 GS B 10 -37.14 -20.71 -14.34
N9 GS B 10 -37.14 -20.64 -14.49
C8 GS B 10 -37.12 -21.69 -13.38
C8 GS B 10 -37.12 -21.61 -13.52
N7 GS B 10 -37.01 -22.88 -13.88
N7 GS B 10 -36.98 -22.82 -14.01
C5 GS B 10 -36.94 -22.69 -15.25
C5 GS B 10 -36.91 -22.63 -15.38
C6 GS B 10 -36.81 -23.62 -16.31
C6 GS B 10 -36.76 -23.56 -16.43
O6 GS B 10 -36.71 -24.86 -16.22
O6 GS B 10 -36.65 -24.80 -16.34
N1 GS B 10 -36.78 -23.00 -17.55
N1 GS B 10 -36.74 -22.95 -17.68
C2 GS B 10 -36.87 -21.64 -17.75
C2 GS B 10 -36.84 -21.60 -17.88
N2 GS B 10 -36.83 -21.23 -19.03
N2 GS B 10 -36.80 -21.18 -19.16
N3 GS B 10 -36.99 -20.76 -16.77
N3 GS B 10 -36.98 -20.70 -16.91
C4 GS B 10 -37.02 -21.35 -15.55
C4 GS B 10 -37.00 -21.29 -15.70
C1' K39 C 1 -38.01 -29.29 -23.36
C2 K39 C 1 -39.36 -25.51 -21.64
C2' K39 C 1 -37.16 -28.44 -24.30
C3' K39 C 1 -35.80 -29.10 -24.24
C4 K39 C 1 -38.57 -27.59 -21.54
C4' K39 C 1 -36.13 -30.57 -24.00
C5 K39 C 1 -38.59 -27.66 -20.17
C5' K39 C 1 -35.13 -31.34 -23.16
C6 K39 C 1 -39.07 -26.54 -19.42
C8 K39 C 1 -37.85 -29.54 -20.83
CA' K39 C 1 -38.87 -27.73 -25.81
CB' K39 C 1 -38.86 -27.20 -27.21
CD' K39 C 1 -38.14 -27.99 -29.29
N1 K39 C 1 -39.43 -25.50 -20.27
N2 K39 C 1 -39.73 -24.39 -22.27
N3 K39 C 1 -38.93 -26.55 -22.34
N7 K39 C 1 -38.13 -28.89 -19.73
N9 K39 C 1 -38.11 -28.80 -21.96
O2' K39 C 1 -37.69 -28.51 -25.61
O3' K39 C 1 -35.07 -28.94 -25.46
O4' K39 C 1 -37.42 -30.59 -23.34
O5' K39 C 1 -35.68 -31.69 -21.88
O6 K39 C 1 -39.19 -26.42 -18.20
OC' K39 C 1 -37.79 -27.76 -27.94
C N7X C 2 -37.03 -21.55 -24.10
C N7X C 2 -37.12 -21.39 -23.84
C1 N7X C 2 -37.38 -20.21 -24.69
C1 N7X C 2 -37.83 -20.45 -24.76
C1' N7X C 2 -36.37 -24.16 -23.59
C1' N7X C 2 -36.40 -24.06 -23.49
C12 N7X C 2 -38.28 -19.87 -22.50
C12 N7X C 2 -36.50 -18.65 -25.49
C2 N7X C 2 -36.52 -24.15 -21.13
C2 N7X C 2 -36.51 -24.20 -21.04
C2' N7X C 2 -35.27 -23.17 -23.99
C2' N7X C 2 -35.35 -23.01 -23.87
C3' N7X C 2 -34.42 -24.00 -24.94
C3' N7X C 2 -34.48 -23.76 -24.87
C4 N7X C 2 -35.72 -25.97 -19.89
C4 N7X C 2 -35.67 -26.08 -19.91
C4' N7X C 2 -35.47 -24.85 -25.64
C4' N7X C 2 -35.50 -24.66 -25.58
C5 N7X C 2 -35.31 -26.66 -21.05
C5 N7X C 2 -35.24 -26.68 -21.13
C5' N7X C 2 -34.94 -26.14 -26.24
C5' N7X C 2 -34.92 -25.91 -26.17
C6 N7X C 2 -35.54 -26.05 -22.22
C6 N7X C 2 -35.50 -26.00 -22.24
C7 N7X C 2 -34.64 -28.00 -20.95
C7 N7X C 2 -34.53 -28.01 -21.11
N1 N7X C 2 -36.13 -24.81 -22.30
N1 N7X C 2 -36.12 -24.78 -22.24
N3 N7X C 2 -36.30 -24.76 -19.94
N3 N7X C 2 -36.27 -24.89 -19.89
N4 N7X C 2 -35.54 -26.52 -18.68
N4 N7X C 2 -35.49 -26.71 -18.74
O12 N7X C 2 -37.90 -19.29 -23.75
O12 N7X C 2 -37.40 -19.12 -24.52
O2 N7X C 2 -37.04 -23.04 -21.23
O2 N7X C 2 -37.05 -23.08 -21.05
O2' N7X C 2 -35.85 -22.07 -24.69
O2' N7X C 2 -35.97 -21.92 -24.52
O3' N7X C 2 -33.68 -23.22 -25.88
O3' N7X C 2 -33.86 -22.89 -25.82
O4' N7X C 2 -36.44 -25.15 -24.61
O4' N7X C 2 -36.47 -25.00 -24.55
O5' N7X C 2 -33.92 -26.70 -25.41
O5' N7X C 2 -34.13 -26.63 -25.20
OP2 N7X C 2 -32.90 -28.51 -26.72
OP2 N7X C 2 -32.85 -28.54 -24.30
P N7X C 2 -33.60 -28.27 -25.44
P N7X C 2 -33.68 -28.13 -25.46
S N7X C 2 -32.72 -28.67 -23.80
S N7X C 2 -32.91 -28.11 -27.20
C N7X C 3 -33.93 -17.52 -20.10
C N7X C 3 -33.87 -17.47 -19.97
C1 N7X C 3 -33.51 -16.41 -19.20
C1 N7X C 3 -33.36 -16.55 -18.91
C1' N7X C 3 -33.73 -20.12 -20.97
C1' N7X C 3 -33.71 -20.04 -20.88
C12 N7X C 3 -34.85 -17.04 -17.36
C12 N7X C 3 -34.66 -17.19 -17.06
C2 N7X C 3 -33.52 -21.44 -18.90
C2 N7X C 3 -33.53 -21.45 -18.88
C2' N7X C 3 -32.50 -19.20 -21.05
C2' N7X C 3 -32.45 -19.16 -20.94
C3' N7X C 3 -31.94 -19.58 -22.40
C3' N7X C 3 -31.93 -19.50 -22.32
C4 N7X C 3 -32.83 -23.68 -18.98
C4 N7X C 3 -32.85 -23.69 -19.04
C4' N7X C 3 -33.21 -19.73 -23.22
C4' N7X C 3 -33.22 -19.55 -23.13
C5 N7X C 3 -32.75 -23.66 -20.41
C5 N7X C 3 -32.76 -23.61 -20.46
C5' N7X C 3 -33.08 -20.52 -24.52
C5' N7X C 3 -33.15 -20.26 -24.46
C6 N7X C 3 -33.07 -22.51 -21.00
C6 N7X C 3 -33.08 -22.44 -21.01
C7 N7X C 3 -32.29 -24.88 -21.15
C7 N7X C 3 -32.29 -24.80 -21.26
N1 N7X C 3 -33.45 -21.40 -20.29
N1 N7X C 3 -33.46 -21.35 -20.27
N3 N7X C 3 -33.21 -22.61 -18.28
N3 N7X C 3 -33.23 -22.64 -18.30
N4 N7X C 3 -32.54 -24.80 -18.31
N4 N7X C 3 -32.57 -24.83 -18.41
O12 N7X C 3 -33.54 -16.82 -17.84
O12 N7X C 3 -33.37 -17.17 -17.64
O2 N7X C 3 -33.85 -20.42 -18.28
O2 N7X C 3 -33.86 -20.45 -18.22
O2' N7X C 3 -32.91 -17.85 -21.04
O2' N7X C 3 -32.82 -17.78 -20.90
O3' N7X C 3 -31.05 -18.60 -22.92
O3' N7X C 3 -30.95 -18.57 -22.78
O4' N7X C 3 -34.13 -20.39 -22.32
O4' N7X C 3 -34.14 -20.23 -22.24
O5' N7X C 3 -32.38 -21.77 -24.32
O5' N7X C 3 -32.38 -21.47 -24.39
OP2 N7X C 3 -31.62 -21.95 -26.65
OP2 N7X C 3 -31.51 -23.65 -25.19
P N7X C 3 -32.17 -22.77 -25.54
P N7X C 3 -32.31 -22.47 -25.63
S N7X C 3 -31.15 -24.25 -24.93
S N7X C 3 -31.72 -21.44 -27.12
C2 K2F C 4 -30.10 -21.76 -14.18
C2 K2F C 4 -30.12 -21.87 -14.16
C4 K2F C 4 -30.07 -20.99 -16.24
C4 K2F C 4 -30.05 -21.11 -16.23
C1' K2F C 4 -30.21 -18.69 -17.26
C1' K2F C 4 -30.17 -18.80 -17.26
C2' K2F C 4 -28.90 -17.96 -16.88
C2' K2F C 4 -28.89 -18.07 -16.85
C3' K2F C 4 -28.36 -17.59 -18.25
C3' K2F C 4 -28.28 -17.71 -18.19
C4' K2F C 4 -29.63 -17.21 -18.99
C4' K2F C 4 -29.53 -17.35 -19.00
C5 K2F C 4 -29.99 -22.27 -16.77
C5 K2F C 4 -29.98 -22.39 -16.76
C5' K2F C 4 -29.55 -17.17 -20.50
C5' K2F C 4 -29.39 -17.32 -20.50
C6 K2F C 4 -29.98 -23.34 -15.87
C6 K2F C 4 -30.00 -23.46 -15.85
C8 K2F C 4 -29.99 -20.94 -18.44
C8 K2F C 4 -29.96 -21.06 -18.42
CA' K2F C 4 -28.71 -16.66 -14.87
CA' K2F C 4 -28.73 -16.82 -14.80
CB' K2F C 4 -29.68 -17.27 -13.92
CB' K2F C 4 -29.67 -17.49 -13.86
CD' K2F C 4 -29.79 -18.69 -12.04
CD' K2F C 4 -29.71 -18.92 -11.98
N1 K2F C 4 -30.04 -23.04 -14.55
N1 K2F C 4 -30.06 -23.16 -14.53
N3 K2F C 4 -30.12 -20.67 -14.95
N3 K2F C 4 -30.12 -20.77 -14.93
N6 K2F C 4 -29.95 -24.63 -16.24
N6 K2F C 4 -29.97 -24.74 -16.22
N7 K2F C 4 -29.92 -22.21 -18.16
N7 K2F C 4 -29.91 -22.34 -18.14
N9 K2F C 4 -30.08 -20.13 -17.32
N9 K2F C 4 -30.05 -20.26 -17.32
O2' K2F C 4 -29.23 -16.75 -16.20
O2' K2F C 4 -29.24 -16.88 -16.14
O3' K2F C 4 -27.42 -16.51 -18.20
O3' K2F C 4 -27.37 -16.62 -18.11
O4' K2F C 4 -30.59 -18.20 -18.55
O4' K2F C 4 -30.51 -18.33 -18.58
O5' K2F C 4 -29.38 -18.47 -21.05
O5' K2F C 4 -29.11 -18.60 -21.07
OC' K2F C 4 -29.00 -17.78 -12.79
OC' K2F C 4 -28.98 -17.94 -12.71
OP2 K2F C 4 -28.75 -17.60 -23.29
OP2 K2F C 4 -29.17 -20.38 -22.75
P K2F C 4 -29.47 -18.71 -22.63
P K2F C 4 -29.39 -18.91 -22.61
SP1 K2F C 4 -28.87 -20.49 -22.88
SP1 K2F C 4 -28.34 -17.74 -23.68
C1' K39 C 5 -26.60 -20.08 -13.72
C1' K39 C 5 -26.53 -20.08 -13.76
C2 K39 C 5 -26.88 -24.18 -12.29
C2 K39 C 5 -26.89 -24.18 -12.38
C2' K39 C 5 -25.36 -19.82 -12.86
C2' K39 C 5 -25.28 -19.90 -12.89
C3' K39 C 5 -24.44 -19.07 -13.81
C3' K39 C 5 -24.31 -19.21 -13.84
C4 K39 C 5 -26.72 -22.62 -13.86
C4 K39 C 5 -26.70 -22.60 -13.92
C4' K39 C 5 -25.41 -18.29 -14.70
C4' K39 C 5 -25.23 -18.35 -14.69
C5 K39 C 5 -26.73 -23.50 -14.92
C5 K39 C 5 -26.73 -23.48 -14.99
C5' K39 C 5 -24.94 -18.12 -16.11
C5' K39 C 5 -24.74 -18.14 -16.10
C6 K39 C 5 -26.88 -24.88 -14.64
C6 K39 C 5 -26.88 -24.87 -14.73
C8 K39 C 5 -26.55 -21.57 -15.78
C8 K39 C 5 -26.52 -21.54 -15.84
CA' K39 C 5 -25.88 -19.69 -10.53
CA' K39 C 5 -25.83 -19.76 -10.57
CB' K39 C 5 -24.84 -19.25 -9.59
CB' K39 C 5 -24.81 -19.32 -9.57
CD' K39 C 5 -26.49 -18.03 -8.41
CD' K39 C 5 -26.56 -18.19 -8.47
N1 K39 C 5 -26.94 -25.14 -13.28
N1 K39 C 5 -26.95 -25.13 -13.36
N2 K39 C 5 -26.91 -24.62 -11.02
N2 K39 C 5 -26.92 -24.64 -11.12
N3 K39 C 5 -26.78 -22.88 -12.53
N3 K39 C 5 -26.77 -22.88 -12.60
N7 K39 C 5 -26.62 -22.82 -16.12
N7 K39 C 5 -26.61 -22.80 -16.19
N9 K39 C 5 -26.60 -21.37 -14.42
N9 K39 C 5 -26.57 -21.35 -14.48
O2' K39 C 5 -25.71 -18.98 -11.76
O2' K39 C 5 -25.60 -19.06 -11.79
O3' K39 C 5 -23.61 -18.14 -13.12
O3' K39 C 5 -23.39 -18.37 -13.14
O4' K39 C 5 -26.65 -19.03 -14.69
O4' K39 C 5 -26.51 -19.03 -14.71
O5' K39 C 5 -25.48 -16.91 -16.68
O5' K39 C 5 -25.36 -16.97 -16.65
O6 K39 C 5 -26.94 -25.83 -15.45
O6 K39 C 5 -26.95 -25.80 -15.54
OC' K39 C 5 -25.42 -18.96 -8.33
OC' K39 C 5 -25.42 -19.03 -8.34
OP2 K39 C 5 -25.09 -15.70 -18.80
OP2 K39 C 5 -25.55 -18.28 -18.73
P K39 C 5 -25.85 -16.84 -18.22
P K39 C 5 -25.79 -16.92 -18.19
SP1 K39 C 5 -25.55 -18.60 -18.89
SP1 K39 C 5 -24.86 -15.43 -18.92
P GS C 6 -22.01 -18.37 -13.10
P GS C 6 -21.82 -18.70 -13.20
OP1 GS C 6 -21.31 -17.09 -12.82
OP1 GS C 6 -21.53 -19.58 -14.36
S2P GS C 6 -21.49 -19.40 -14.61
S2P GS C 6 -20.80 -17.10 -12.99
O5' GS C 6 -21.82 -19.25 -11.78
O5' GS C 6 -21.59 -19.55 -11.88
C5' GS C 6 -21.35 -20.61 -11.84
C5' GS C 6 -21.36 -20.97 -11.94
C4' GS C 6 -21.94 -21.43 -10.72
C4' GS C 6 -22.01 -21.65 -10.75
O4' GS C 6 -23.26 -21.88 -11.09
O4' GS C 6 -23.31 -22.17 -11.15
C3' GS C 6 -21.14 -22.69 -10.37
C3' GS C 6 -21.26 -22.86 -10.21
O3' GS C 6 -20.28 -22.42 -9.26
O3' GS C 6 -20.23 -22.46 -9.29
C2' GS C 6 -22.22 -23.69 -10.00
C2' GS C 6 -22.37 -23.65 -9.54
C1' GS C 6 -23.36 -23.29 -10.90
C1' GS C 6 -23.51 -23.45 -10.53
N9 GS C 6 -23.36 -23.92 -12.22
N9 GS C 6 -23.56 -24.47 -11.58
C8 GS C 6 -23.21 -23.29 -13.43
C8 GS C 6 -23.77 -25.81 -11.38
N7 GS C 6 -23.32 -24.10 -14.45
N7 GS C 6 -23.78 -26.50 -12.49
C5 GS C 6 -23.56 -25.35 -13.87
C5 GS C 6 -23.58 -25.55 -13.49
C6 GS C 6 -23.76 -26.61 -14.47
C6 GS C 6 -23.49 -25.69 -14.90
O6 GS C 6 -23.80 -26.88 -15.67
O6 GS C 6 -23.64 -26.72 -15.55
N1 GS C 6 -23.95 -27.61 -13.52
N1 GS C 6 -23.24 -24.48 -15.52
C2 GS C 6 -23.93 -27.41 -12.16
C2 GS C 6 -23.11 -23.28 -14.88
N2 GS C 6 -24.11 -28.50 -11.40
N2 GS C 6 -22.88 -22.21 -15.67
N3 GS C 6 -23.74 -26.23 -11.58
N3 GS C 6 -23.19 -23.12 -13.58
C4 GS C 6 -23.57 -25.25 -12.50
C4 GS C 6 -23.43 -24.29 -12.94
C2 OKN C 7 -20.85 -28.99 -11.83
C2 OKN C 7 -20.86 -28.88 -11.77
C4 OKN C 7 -20.60 -27.80 -13.83
C4 OKN C 7 -20.62 -27.74 -13.81
C1' OKN C 7 -20.52 -27.86 -9.66
C1' OKN C 7 -20.46 -27.69 -9.63
C2' OKN C 7 -19.26 -28.49 -9.06
C2' OKN C 7 -19.21 -28.36 -9.06
C3' OKN C 7 -18.59 -27.39 -8.27
C3' OKN C 7 -18.52 -27.28 -8.24
C4' OKN C 7 -19.72 -26.39 -8.03
C4' OKN C 7 -19.59 -26.22 -8.05
C5 OKN C 7 -20.26 -26.60 -13.15
C5 OKN C 7 -20.25 -26.53 -13.16
C5' OKN C 7 -19.28 -24.96 -7.88
C5' OKN C 7 -19.08 -24.81 -7.95
C6 OKN C 7 -20.23 -26.68 -11.81
C6 OKN C 7 -20.21 -26.57 -11.81
CM5 OKN C 7 -19.92 -25.35 -13.91
CM5 OKN C 7 -19.90 -25.31 -13.95
N1 OKN C 7 -20.53 -27.83 -11.14
N1 OKN C 7 -20.51 -27.70 -11.11
N3 OKN C 7 -20.89 -28.94 -13.19
N3 OKN C 7 -20.90 -28.86 -13.12
N4 OKN C 7 -20.63 -27.82 -15.17
N4 OKN C 7 -20.68 -27.79 -15.14
O2 OKN C 7 -21.11 -30.02 -11.20
O2 OKN C 7 -21.12 -29.88 -11.10
O3' OKN C 7 -18.12 -27.84 -7.00
O3' OKN C 7 -18.10 -27.83 -6.99
O4' OKN C 7 -20.56 -26.52 -9.20
O4' OKN C 7 -20.45 -26.34 -9.20
O5' OKN C 7 -18.80 -24.41 -9.12
O5' OKN C 7 -18.59 -24.34 -9.22
OP1 OKN C 7 -18.00 -22.29 -8.17
OP1 OKN C 7 -18.48 -22.75 -11.11
P OKN C 7 -18.73 -22.83 -9.33
P OKN C 7 -18.71 -22.80 -9.63
S01 OKN C 7 -18.04 -22.50 -11.08
S01 OKN C 7 -17.53 -21.81 -8.51
P PST C 8 -16.68 -28.58 -6.90
OP2 PST C 8 -16.17 -28.55 -5.50
SP PST C 8 -15.55 -27.99 -8.31
O5' PST C 8 -17.05 -30.10 -7.20
C5' PST C 8 -16.28 -30.81 -8.18
C4' PST C 8 -17.03 -32.01 -8.65
O4' PST C 8 -18.11 -31.61 -9.53
C3' PST C 8 -16.14 -32.93 -9.49
O3' PST C 8 -15.56 -33.90 -8.61
C2' PST C 8 -17.10 -33.53 -10.49
C1' PST C 8 -18.12 -32.42 -10.70
N1 PST C 8 -17.86 -31.55 -11.86
C2 PST C 8 -18.14 -32.04 -13.11
O2 PST C 8 -18.44 -33.21 -13.31
N3 PST C 8 -18.03 -31.13 -14.13
C4 PST C 8 -17.65 -29.81 -14.02
O4 PST C 8 -17.62 -29.10 -15.03
C5 PST C 8 -17.34 -29.36 -12.69
C5M PST C 8 -16.87 -27.95 -12.49
C6 PST C 8 -17.46 -30.24 -11.68
P GS C 9 -14.01 -34.24 -8.73
OP1 GS C 9 -13.23 -33.01 -9.05
S2P GS C 9 -13.47 -35.30 -7.25
O5' GS C 9 -13.98 -35.17 -10.00
C5' GS C 9 -14.85 -36.32 -10.09
C4' GS C 9 -14.81 -36.86 -11.51
O4' GS C 9 -15.43 -35.90 -12.40
C3' GS C 9 -13.39 -37.11 -12.02
O3' GS C 9 -13.33 -38.45 -12.53
C2' GS C 9 -13.21 -36.07 -13.12
C1' GS C 9 -14.63 -35.81 -13.57
N9 GS C 9 -14.81 -34.48 -14.16
C8 GS C 9 -14.62 -33.26 -13.55
N7 GS C 9 -14.72 -32.26 -14.38
C5 GS C 9 -15.02 -32.84 -15.60
C6 GS C 9 -15.26 -32.26 -16.87
O6 GS C 9 -15.17 -31.07 -17.18
N1 GS C 9 -15.55 -33.22 -17.83
C2 GS C 9 -15.58 -34.57 -17.61
N2 GS C 9 -15.84 -35.36 -18.67
N3 GS C 9 -15.36 -35.14 -16.43
C4 GS C 9 -15.09 -34.21 -15.48
P GS C 10 -11.99 -39.00 -13.23
P GS C 10 -11.98 -38.99 -13.21
OP1 GS C 10 -11.89 -40.47 -13.03
OP1 GS C 10 -10.84 -38.10 -12.89
S2P GS C 10 -10.49 -37.90 -12.82
S2P GS C 10 -11.81 -40.86 -12.88
O5' GS C 10 -12.29 -38.76 -14.78
O5' GS C 10 -12.25 -38.79 -14.77
C5' GS C 10 -13.43 -39.36 -15.40
C5' GS C 10 -13.41 -39.36 -15.40
C4' GS C 10 -13.29 -39.40 -16.91
C4' GS C 10 -13.28 -39.36 -16.91
O4' GS C 10 -13.53 -38.08 -17.46
O4' GS C 10 -13.52 -38.03 -17.44
C3' GS C 10 -11.95 -39.86 -17.45
C3' GS C 10 -11.94 -39.82 -17.48
O3' GS C 10 -12.28 -40.62 -18.63
O3' GS C 10 -12.28 -40.62 -18.63
C2' GS C 10 -11.24 -38.56 -17.78
C2' GS C 10 -11.24 -38.52 -17.83
C1' GS C 10 -12.38 -37.63 -18.17
C1' GS C 10 -12.39 -37.58 -18.17
N9 GS C 10 -12.17 -36.22 -17.80
N9 GS C 10 -12.17 -36.18 -17.81
C8 GS C 10 -11.97 -35.72 -16.54
C8 GS C 10 -11.98 -35.68 -16.54
N7 GS C 10 -11.86 -34.43 -16.50
N7 GS C 10 -11.88 -34.37 -16.53
C5 GS C 10 -11.99 -34.04 -17.83
C5 GS C 10 -12.01 -33.99 -17.85
C6 GS C 10 -11.98 -32.75 -18.43
C6 GS C 10 -12.00 -32.70 -18.44
O6 GS C 10 -11.79 -31.66 -17.86
O6 GS C 10 -11.85 -31.61 -17.87
N1 GS C 10 -12.15 -32.80 -19.80
N1 GS C 10 -12.17 -32.76 -19.83
C2 GS C 10 -12.31 -33.96 -20.53
C2 GS C 10 -12.31 -33.91 -20.54
N2 GS C 10 -12.46 -33.81 -21.86
N2 GS C 10 -12.45 -33.77 -21.87
N3 GS C 10 -12.33 -35.17 -20.00
N3 GS C 10 -12.32 -35.13 -20.00
C4 GS C 10 -12.17 -35.13 -18.65
C4 GS C 10 -12.18 -35.09 -18.67
P PST C 11 -11.21 -41.61 -19.31
OP2 PST C 11 -11.90 -42.85 -19.78
SP PST C 11 -9.64 -41.78 -18.28
O5' PST C 11 -10.77 -40.76 -20.58
C5' PST C 11 -9.89 -41.28 -21.60
C4' PST C 11 -9.89 -40.29 -22.76
O4' PST C 11 -11.24 -39.96 -23.13
C3' PST C 11 -9.20 -38.95 -22.49
O3' PST C 11 -8.69 -38.54 -23.75
C2' PST C 11 -10.35 -38.04 -22.11
C1' PST C 11 -11.46 -38.55 -23.01
N1 PST C 11 -12.81 -38.35 -22.45
C2 PST C 11 -13.39 -37.12 -22.64
O2 PST C 11 -12.89 -36.25 -23.33
N3 PST C 11 -14.58 -36.93 -21.96
C4 PST C 11 -15.22 -37.84 -21.14
O4 PST C 11 -16.28 -37.55 -20.60
C5 PST C 11 -14.54 -39.12 -20.99
C5M PST C 11 -15.17 -40.16 -20.12
C6 PST C 11 -13.40 -39.31 -21.66
P PST C 12 -7.47 -37.49 -23.77
P PST C 12 -7.45 -37.52 -23.84
OP2 PST C 12 -6.65 -37.66 -24.99
OP2 PST C 12 -6.60 -37.61 -22.64
SP PST C 12 -6.60 -37.45 -22.07
SP PST C 12 -6.66 -37.66 -25.56
O5' PST C 12 -8.20 -36.07 -23.84
O5' PST C 12 -8.16 -36.08 -23.79
C5' PST C 12 -9.27 -35.80 -24.75
C5' PST C 12 -9.24 -35.76 -24.69
C4' PST C 12 -9.45 -34.30 -24.86
C4' PST C 12 -9.40 -34.26 -24.76
O4' PST C 12 -9.93 -33.79 -23.59
O4' PST C 12 -9.86 -33.77 -23.47
C3' PST C 12 -8.14 -33.54 -25.13
C3' PST C 12 -8.12 -33.49 -25.06
O3' PST C 12 -8.44 -32.36 -25.87
O3' PST C 12 -8.44 -32.35 -25.86
C2' PST C 12 -7.69 -33.13 -23.75
C2' PST C 12 -7.65 -33.04 -23.70
C1' PST C 12 -9.02 -32.84 -23.07
C1' PST C 12 -8.95 -32.81 -22.97
N1 PST C 12 -8.98 -32.98 -21.60
N1 PST C 12 -8.89 -32.95 -21.49
C2 PST C 12 -8.90 -31.83 -20.85
C2 PST C 12 -8.81 -31.82 -20.73
O2 PST C 12 -8.94 -30.72 -21.35
O2 PST C 12 -8.79 -30.70 -21.23
N3 PST C 12 -8.78 -32.04 -19.50
N3 PST C 12 -8.73 -32.02 -19.38
C4 PST C 12 -8.73 -33.25 -18.84
C4 PST C 12 -8.74 -33.23 -18.72
O4 PST C 12 -8.60 -33.28 -17.62
O4 PST C 12 -8.67 -33.27 -17.50
C5 PST C 12 -8.82 -34.42 -19.69
C5 PST C 12 -8.82 -34.40 -19.58
C5M PST C 12 -8.76 -35.77 -19.06
C5M PST C 12 -8.80 -35.77 -18.96
C6 PST C 12 -8.95 -34.23 -21.01
C6 PST C 12 -8.89 -34.20 -20.91
P AS C 13 -7.59 -32.00 -27.18
OP1 AS C 13 -8.18 -32.69 -28.37
S2P AS C 13 -5.73 -32.09 -26.82
O5' AS C 13 -7.85 -30.44 -27.34
C5' AS C 13 -9.18 -29.92 -27.53
C4' AS C 13 -9.08 -28.45 -27.80
O4' AS C 13 -8.80 -27.76 -26.56
C3' AS C 13 -7.97 -28.03 -28.76
O3' AS C 13 -8.48 -26.87 -29.44
C2' AS C 13 -6.81 -27.70 -27.83
C1' AS C 13 -7.54 -27.10 -26.62
N9 AS C 13 -6.87 -27.31 -25.34
C8 AS C 13 -6.28 -28.46 -24.87
N7 AS C 13 -5.86 -28.37 -23.63
C5 AS C 13 -6.21 -27.08 -23.26
C6 AS C 13 -6.09 -26.38 -22.04
N6 AS C 13 -5.54 -26.90 -20.94
N1 AS C 13 -6.56 -25.12 -21.99
C2 AS C 13 -7.13 -24.60 -23.10
N3 AS C 13 -7.29 -25.15 -24.29
C4 AS C 13 -6.81 -26.41 -24.31
P PST C 14 -8.02 -26.54 -30.94
OP2 PST C 14 -8.61 -25.24 -31.37
SP PST C 14 -8.24 -28.07 -32.06
O5' PST C 14 -6.46 -26.37 -30.72
C5' PST C 14 -5.54 -25.95 -31.74
C4' PST C 14 -4.23 -25.75 -31.02
O4' PST C 14 -3.14 -25.81 -31.96
C3' PST C 14 -4.12 -24.38 -30.37
O3' PST C 14 -3.00 -24.45 -29.49
C2' PST C 14 -3.66 -23.54 -31.56
C1' PST C 14 -2.62 -24.49 -32.16
N1 PST C 14 -2.38 -24.30 -33.61
C2 PST C 14 -1.11 -23.95 -34.00
O2 PST C 14 -0.21 -23.76 -33.19
N3 PST C 14 -0.94 -23.82 -35.35
C4 PST C 14 -1.89 -24.00 -36.33
O4 PST C 14 -1.60 -23.82 -37.51
C5 PST C 14 -3.20 -24.41 -35.86
C5M PST C 14 -4.28 -24.70 -36.87
C6 PST C 14 -3.38 -24.53 -34.53
P GS C 15 -3.17 -24.54 -27.88
OP1 GS C 15 -4.49 -24.01 -27.43
S2P GS C 15 -1.54 -23.96 -27.09
O5' GS C 15 -3.34 -26.09 -27.62
C5' GS C 15 -2.23 -26.95 -27.79
C4' GS C 15 -2.67 -28.39 -27.73
O4' GS C 15 -3.79 -28.61 -28.61
C3' GS C 15 -1.59 -29.32 -28.22
O3' GS C 15 -0.79 -29.65 -27.09
C2' GS C 15 -2.37 -30.51 -28.76
C1' GS C 15 -3.72 -29.93 -29.15
N9 GS C 15 -3.95 -29.82 -30.59
C8 GS C 15 -3.20 -29.11 -31.50
N7 GS C 15 -3.71 -29.13 -32.71
C5 GS C 15 -4.87 -29.89 -32.58
C6 GS C 15 -5.84 -30.26 -33.54
O6 GS C 15 -5.84 -30.00 -34.75
N1 GS C 15 -6.85 -31.03 -32.99
C2 GS C 15 -6.92 -31.40 -31.66
N2 GS C 15 -7.98 -32.15 -31.29
N3 GS C 15 -6.02 -31.07 -30.76
C4 GS C 15 -5.02 -30.32 -31.28
C1 GOL D . -2.42 0.28 -11.31
O1 GOL D . -1.02 0.28 -11.39
C2 GOL D . -2.87 1.25 -10.24
O2 GOL D . -2.79 0.72 -8.89
C3 GOL D . -1.96 2.53 -10.49
O3 GOL D . -1.64 2.70 -11.88
C1 GOL E . -5.81 3.10 -23.20
O1 GOL E . -4.68 3.18 -22.34
C2 GOL E . -6.17 4.57 -23.69
O2 GOL E . -7.31 4.59 -24.51
C3 GOL E . -6.40 5.40 -22.40
O3 GOL E . -5.45 6.43 -22.39
C1 GOL F . -19.56 -16.76 -20.70
O1 GOL F . -20.25 -16.60 -19.49
C2 GOL F . -20.32 -15.94 -21.76
O2 GOL F . -20.08 -14.59 -21.57
C3 GOL F . -19.88 -16.51 -23.15
O3 GOL F . -18.76 -17.35 -22.93
C1 GOL G . -8.95 10.77 4.22
O1 GOL G . -7.91 9.87 4.02
C2 GOL G . -9.53 10.90 2.84
O2 GOL G . -10.60 10.02 2.63
C3 GOL G . -9.79 12.41 2.64
O3 GOL G . -11.18 12.58 2.65
C1 GOL H . -5.14 -12.54 10.42
O1 GOL H . -6.30 -12.84 9.68
C2 GOL H . -4.24 -13.84 10.57
O2 GOL H . -4.95 -15.04 10.40
C3 GOL H . -3.02 -13.70 9.64
O3 GOL H . -1.91 -13.52 10.48
C1 GOL I . 2.07 7.43 -1.58
O1 GOL I . 3.39 7.05 -1.73
C2 GOL I . 1.43 6.53 -0.49
O2 GOL I . 1.25 7.19 0.76
C3 GOL I . 0.12 6.12 -1.13
O3 GOL I . -0.62 5.44 -0.19
C1 GOL J . -13.26 -15.61 -29.38
O1 GOL J . -14.20 -16.19 -28.52
C2 GOL J . -11.91 -15.67 -28.66
O2 GOL J . -11.09 -16.72 -29.12
C3 GOL J . -11.30 -14.28 -28.90
O3 GOL J . -10.65 -14.38 -30.12
C1 GOL K . -13.73 3.91 -30.14
O1 GOL K . -12.84 2.91 -30.60
C2 GOL K . -13.51 5.17 -31.02
O2 GOL K . -13.95 4.99 -32.35
C3 GOL K . -11.98 5.46 -30.98
O3 GOL K . -11.65 5.82 -29.65
CA CA L . 4.44 4.40 29.82
CA CA M . 16.28 -10.36 -0.53
CA CA N . -4.56 -21.51 -20.33
CA CA O . 12.36 0.92 21.03
CA CA P . -7.70 -11.51 14.31
CA CA Q . 9.11 -15.04 0.49
CA CA R . -3.57 -20.88 -9.41
MG MG S . -7.37 12.51 11.33
#